data_9QCU
#
_entry.id   9QCU
#
_cell.length_a   78.041
_cell.length_b   91.340
_cell.length_c   105.871
_cell.angle_alpha   90.000
_cell.angle_beta   90.000
_cell.angle_gamma   90.000
#
_symmetry.space_group_name_H-M   'P 21 21 21'
#
loop_
_entity.id
_entity.type
_entity.pdbx_description
1 polymer 'L-asparaginase II'
2 non-polymer 'SULFATE ION'
3 non-polymer 1,2-ETHANEDIOL
4 non-polymer DI(HYDROXYETHYL)ETHER
5 non-polymer 'ZINC ION'
6 non-polymer 'CHLORIDE ION'
7 water water
#
_entity_poly.entity_id   1
_entity_poly.type   'polypeptide(L)'
_entity_poly.pdbx_seq_one_letter_code
;GIDPFTMTPSEDFVVTDRGGIVENSHRVHAAVVDAKGRLLYALGNPTRMTLARAAAKPAQALAILETEGVAGYGFDDADI
ALMCASHSSEDRHIARTRAMLSKIKAEEADLRCGGHPSLSEMVNRSWIKQDFIPTAVCSNCSGKHVGMLAGARAIGAGTD
GYHLPDHPMQGRVKRTVAELCDLDAGDVEWGTDGCNLPTPAFPLDRLGRIYAKLASAADGSDAGEGQSTRCAALAHIFRA
MARHPEMVAGEGRYCTMLMRAFDGALVGKLGADASYAIGVRASDATRQLGTDGALGISVKIEDGNLEMLYAVVTELLERL
GIGSPDVRSQLASFHHPQRVNTMGVTTGGVSFPFKLRGSKSNVDDPRLAAVAR
;
_entity_poly.pdbx_strand_id   A,B
#
loop_
_chem_comp.id
_chem_comp.type
_chem_comp.name
_chem_comp.formula
CL non-polymer 'CHLORIDE ION' 'Cl -1'
EDO non-polymer 1,2-ETHANEDIOL 'C2 H6 O2'
PEG non-polymer DI(HYDROXYETHYL)ETHER 'C4 H10 O3'
SO4 non-polymer 'SULFATE ION' 'O4 S -2'
ZN non-polymer 'ZINC ION' 'Zn 2'
#
# COMPACT_ATOMS: atom_id res chain seq x y z
N THR A 8 16.23 1.09 -23.60
CA THR A 8 15.81 1.74 -22.36
C THR A 8 14.36 1.42 -22.03
N PRO A 9 14.12 0.96 -20.80
CA PRO A 9 12.74 0.71 -20.36
C PRO A 9 11.84 1.93 -20.56
N SER A 10 10.62 1.67 -21.00
CA SER A 10 9.63 2.73 -21.11
C SER A 10 9.17 3.16 -19.72
N GLU A 11 8.54 4.33 -19.67
CA GLU A 11 7.95 4.87 -18.45
C GLU A 11 6.49 4.42 -18.38
N ASP A 12 6.29 3.20 -17.89
CA ASP A 12 4.97 2.56 -17.93
C ASP A 12 4.33 2.61 -16.54
N PHE A 13 3.13 3.19 -16.48
CA PHE A 13 2.46 3.42 -15.21
C PHE A 13 1.00 2.96 -15.25
N VAL A 14 0.49 2.58 -14.09
CA VAL A 14 -0.94 2.57 -13.82
C VAL A 14 -1.21 3.74 -12.88
N VAL A 15 -2.32 4.46 -13.12
CA VAL A 15 -2.56 5.75 -12.49
C VAL A 15 -3.97 5.78 -11.94
N THR A 16 -4.13 6.19 -10.69
CA THR A 16 -5.47 6.37 -10.15
C THR A 16 -5.77 7.85 -10.05
N ASP A 17 -7.06 8.17 -10.17
CA ASP A 17 -7.48 9.56 -10.15
C ASP A 17 -8.67 9.74 -9.23
N ARG A 18 -8.87 10.99 -8.80
CA ARG A 18 -10.05 11.42 -8.05
C ARG A 18 -10.65 12.57 -8.85
N GLY A 19 -11.77 12.31 -9.51
CA GLY A 19 -12.37 13.37 -10.32
C GLY A 19 -11.48 13.81 -11.45
N GLY A 20 -10.67 12.90 -12.02
CA GLY A 20 -9.73 13.24 -13.06
C GLY A 20 -8.40 13.83 -12.58
N ILE A 21 -8.26 14.10 -11.29
CA ILE A 21 -7.02 14.63 -10.73
C ILE A 21 -6.17 13.44 -10.31
N VAL A 22 -4.89 13.41 -10.72
CA VAL A 22 -4.05 12.27 -10.38
C VAL A 22 -3.92 12.14 -8.86
N GLU A 23 -4.16 10.92 -8.36
CA GLU A 23 -4.01 10.57 -6.95
C GLU A 23 -2.64 9.90 -6.77
N ASN A 24 -2.55 8.65 -7.20
CA ASN A 24 -1.30 7.89 -7.10
C ASN A 24 -0.91 7.40 -8.48
N SER A 25 0.38 7.16 -8.68
CA SER A 25 0.82 6.44 -9.85
C SER A 25 1.81 5.35 -9.43
N HIS A 26 1.83 4.28 -10.24
CA HIS A 26 2.55 3.06 -9.88
C HIS A 26 3.31 2.58 -11.10
N ARG A 27 4.64 2.42 -10.96
CA ARG A 27 5.43 1.97 -12.09
C ARG A 27 5.22 0.47 -12.28
N VAL A 28 5.09 0.03 -13.55
CA VAL A 28 4.79 -1.35 -13.89
C VAL A 28 5.96 -1.95 -14.67
N HIS A 29 6.37 -3.15 -14.29
CA HIS A 29 7.34 -3.95 -15.04
C HIS A 29 6.66 -5.25 -15.45
N ALA A 30 6.87 -5.67 -16.69
CA ALA A 30 6.27 -6.92 -17.11
C ALA A 30 7.07 -7.55 -18.23
N ALA A 31 7.08 -8.88 -18.24
CA ALA A 31 7.71 -9.64 -19.29
C ALA A 31 6.71 -10.66 -19.82
N VAL A 32 6.64 -10.80 -21.14
CA VAL A 32 5.88 -11.86 -21.78
C VAL A 32 6.90 -12.65 -22.59
N VAL A 33 7.05 -13.95 -22.28
CA VAL A 33 8.12 -14.75 -22.85
C VAL A 33 7.56 -16.03 -23.49
N ASP A 34 8.31 -16.58 -24.44
CA ASP A 34 7.92 -17.84 -25.05
C ASP A 34 8.42 -19.02 -24.20
N ALA A 35 8.21 -20.24 -24.69
CA ALA A 35 8.52 -21.43 -23.92
C ALA A 35 10.01 -21.60 -23.63
N LYS A 36 10.88 -20.97 -24.42
CA LYS A 36 12.32 -20.98 -24.17
C LYS A 36 12.75 -19.73 -23.39
N GLY A 37 11.82 -18.85 -23.06
CA GLY A 37 12.15 -17.64 -22.34
C GLY A 37 12.50 -16.44 -23.20
N ARG A 38 12.39 -16.53 -24.53
CA ARG A 38 12.65 -15.39 -25.38
C ARG A 38 11.60 -14.31 -25.12
N LEU A 39 12.04 -13.07 -25.02
CA LEU A 39 11.14 -12.01 -24.62
C LEU A 39 10.33 -11.60 -25.86
N LEU A 40 9.01 -11.60 -25.73
CA LEU A 40 8.08 -11.26 -26.80
C LEU A 40 7.49 -9.86 -26.63
N TYR A 41 7.10 -9.49 -25.40
CA TYR A 41 6.55 -8.17 -25.11
C TYR A 41 7.04 -7.75 -23.72
N ALA A 42 7.01 -6.44 -23.47
CA ALA A 42 7.48 -5.94 -22.18
C ALA A 42 6.79 -4.64 -21.80
N LEU A 43 6.70 -4.40 -20.49
CA LEU A 43 6.47 -3.09 -19.89
C LEU A 43 7.63 -2.81 -18.94
N GLY A 44 7.99 -1.52 -18.82
CA GLY A 44 8.99 -1.17 -17.85
C GLY A 44 10.30 -1.88 -18.14
N ASN A 45 10.93 -2.40 -17.08
CA ASN A 45 12.19 -3.14 -17.20
C ASN A 45 11.89 -4.63 -17.07
N PRO A 46 11.76 -5.38 -18.17
CA PRO A 46 11.41 -6.80 -18.06
C PRO A 46 12.49 -7.66 -17.42
N THR A 47 13.69 -7.13 -17.19
CA THR A 47 14.73 -7.91 -16.54
C THR A 47 15.02 -7.45 -15.12
N ARG A 48 14.12 -6.64 -14.55
CA ARG A 48 14.33 -6.14 -13.19
C ARG A 48 14.61 -7.30 -12.22
N MET A 49 15.68 -7.17 -11.44
CA MET A 49 15.95 -8.16 -10.41
CA MET A 49 15.96 -8.14 -10.40
C MET A 49 14.83 -8.11 -9.39
N THR A 50 14.14 -9.25 -9.20
CA THR A 50 12.88 -9.28 -8.45
C THR A 50 12.80 -10.48 -7.54
N LEU A 51 12.45 -10.24 -6.27
CA LEU A 51 12.01 -11.30 -5.34
C LEU A 51 10.73 -11.93 -5.83
N ALA A 52 10.82 -13.21 -6.21
CA ALA A 52 9.66 -13.93 -6.71
C ALA A 52 8.67 -14.23 -5.59
N ARG A 53 9.15 -14.30 -4.35
CA ARG A 53 8.29 -14.60 -3.18
C ARG A 53 7.50 -15.86 -3.50
N ALA A 54 6.18 -15.89 -3.23
CA ALA A 54 5.43 -17.12 -3.42
C ALA A 54 5.23 -17.47 -4.89
N ALA A 55 5.54 -16.55 -5.81
CA ALA A 55 5.47 -16.98 -7.21
C ALA A 55 6.53 -18.03 -7.54
N ALA A 56 7.53 -18.22 -6.66
CA ALA A 56 8.47 -19.33 -6.85
C ALA A 56 7.93 -20.67 -6.39
N LYS A 57 6.73 -20.73 -5.81
CA LYS A 57 6.27 -21.97 -5.18
CA LYS A 57 6.26 -21.97 -5.18
C LYS A 57 6.17 -23.16 -6.13
N PRO A 58 5.75 -23.00 -7.39
CA PRO A 58 5.76 -24.19 -8.27
C PRO A 58 7.16 -24.77 -8.46
N ALA A 59 8.21 -23.94 -8.46
CA ALA A 59 9.57 -24.45 -8.55
C ALA A 59 9.97 -25.19 -7.28
N GLN A 60 9.59 -24.66 -6.12
CA GLN A 60 9.83 -25.37 -4.87
C GLN A 60 9.04 -26.67 -4.82
N ALA A 61 7.80 -26.67 -5.32
CA ALA A 61 7.02 -27.90 -5.40
C ALA A 61 7.71 -28.93 -6.28
N LEU A 62 8.35 -28.48 -7.37
CA LEU A 62 9.08 -29.43 -8.21
C LEU A 62 10.20 -30.07 -7.43
N ALA A 63 10.94 -29.28 -6.66
CA ALA A 63 12.02 -29.84 -5.85
C ALA A 63 11.48 -30.90 -4.88
N ILE A 64 10.31 -30.64 -4.29
CA ILE A 64 9.69 -31.62 -3.39
C ILE A 64 9.33 -32.89 -4.16
N LEU A 65 8.61 -32.73 -5.27
CA LEU A 65 8.15 -33.89 -6.03
C LEU A 65 9.27 -34.71 -6.66
N GLU A 66 10.41 -34.08 -6.90
CA GLU A 66 11.54 -34.83 -7.46
C GLU A 66 12.37 -35.50 -6.39
N THR A 67 12.03 -35.31 -5.12
CA THR A 67 12.80 -35.95 -4.06
C THR A 67 12.47 -37.43 -3.94
N GLU A 68 13.52 -38.26 -3.85
CA GLU A 68 13.36 -39.70 -3.86
C GLU A 68 12.49 -40.17 -2.71
N GLY A 69 11.46 -40.94 -3.01
CA GLY A 69 10.58 -41.44 -1.98
C GLY A 69 9.34 -40.62 -1.69
N VAL A 70 9.26 -39.37 -2.17
CA VAL A 70 8.08 -38.55 -1.88
C VAL A 70 6.82 -39.18 -2.48
N ALA A 71 6.95 -39.86 -3.61
CA ALA A 71 5.78 -40.48 -4.24
C ALA A 71 5.09 -41.46 -3.30
N GLY A 72 5.83 -42.07 -2.38
CA GLY A 72 5.22 -43.06 -1.52
C GLY A 72 4.25 -42.51 -0.50
N TYR A 73 4.25 -41.20 -0.28
CA TYR A 73 3.31 -40.62 0.66
C TYR A 73 1.91 -40.51 0.07
N GLY A 74 1.77 -40.62 -1.24
CA GLY A 74 0.43 -40.52 -1.82
C GLY A 74 -0.19 -39.14 -1.73
N PHE A 75 0.58 -38.08 -1.92
CA PHE A 75 -0.02 -36.75 -2.07
C PHE A 75 -0.84 -36.73 -3.35
N ASP A 76 -2.04 -36.11 -3.29
CA ASP A 76 -2.91 -36.02 -4.45
C ASP A 76 -2.82 -34.64 -5.08
N ASP A 77 -3.67 -34.39 -6.09
CA ASP A 77 -3.55 -33.16 -6.86
C ASP A 77 -3.88 -31.97 -5.97
N ALA A 78 -4.89 -32.10 -5.12
CA ALA A 78 -5.23 -30.99 -4.24
C ALA A 78 -4.12 -30.72 -3.23
N ASP A 79 -3.44 -31.78 -2.75
CA ASP A 79 -2.28 -31.58 -1.88
C ASP A 79 -1.16 -30.84 -2.60
N ILE A 80 -0.91 -31.19 -3.86
CA ILE A 80 0.14 -30.50 -4.60
C ILE A 80 -0.25 -29.06 -4.83
N ALA A 81 -1.53 -28.81 -5.13
CA ALA A 81 -2.01 -27.44 -5.25
C ALA A 81 -1.75 -26.67 -3.97
N LEU A 82 -1.83 -27.33 -2.81
CA LEU A 82 -1.75 -26.56 -1.60
C LEU A 82 -0.22 -26.31 -1.39
N MET A 83 0.65 -27.24 -1.85
CA MET A 83 2.10 -26.96 -1.87
C MET A 83 2.42 -25.71 -2.68
N CYS A 84 1.68 -25.47 -3.76
CA CYS A 84 1.88 -24.31 -4.62
C CYS A 84 1.14 -23.06 -4.14
N ALA A 85 0.55 -23.09 -2.96
CA ALA A 85 -0.42 -22.06 -2.56
C ALA A 85 0.18 -20.96 -1.69
N SER A 86 -0.43 -19.77 -1.79
CA SER A 86 -0.46 -18.75 -0.72
C SER A 86 -1.92 -18.69 -0.31
N HIS A 87 -2.34 -19.64 0.51
CA HIS A 87 -3.76 -19.81 0.73
C HIS A 87 -4.26 -18.79 1.75
N SER A 88 -5.59 -18.60 1.76
CA SER A 88 -6.24 -17.66 2.67
C SER A 88 -6.44 -18.20 4.07
N SER A 89 -5.85 -19.34 4.43
CA SER A 89 -6.04 -19.90 5.76
C SER A 89 -7.51 -20.16 6.07
N GLU A 90 -8.29 -20.54 5.07
CA GLU A 90 -9.66 -20.96 5.32
C GLU A 90 -9.61 -22.30 6.06
N ASP A 91 -10.70 -22.61 6.76
CA ASP A 91 -10.74 -23.88 7.48
C ASP A 91 -10.35 -25.06 6.59
N ARG A 92 -10.77 -25.06 5.32
CA ARG A 92 -10.43 -26.17 4.43
C ARG A 92 -8.92 -26.26 4.13
N HIS A 93 -8.21 -25.12 4.11
CA HIS A 93 -6.77 -25.16 3.90
C HIS A 93 -6.07 -25.74 5.12
N ILE A 94 -6.53 -25.38 6.32
CA ILE A 94 -5.96 -25.94 7.55
C ILE A 94 -6.23 -27.43 7.61
N ALA A 95 -7.45 -27.84 7.28
CA ALA A 95 -7.80 -29.26 7.29
C ALA A 95 -6.91 -30.04 6.34
N ARG A 96 -6.65 -29.51 5.14
CA ARG A 96 -5.80 -30.23 4.20
C ARG A 96 -4.37 -30.27 4.69
N THR A 97 -3.91 -29.19 5.35
CA THR A 97 -2.57 -29.21 5.91
C THR A 97 -2.44 -30.35 6.92
N ARG A 98 -3.42 -30.48 7.80
CA ARG A 98 -3.40 -31.57 8.78
C ARG A 98 -3.44 -32.94 8.10
N ALA A 99 -4.25 -33.08 7.04
CA ALA A 99 -4.30 -34.36 6.33
C ALA A 99 -2.95 -34.69 5.69
N MET A 100 -2.24 -33.67 5.19
CA MET A 100 -0.92 -33.90 4.61
C MET A 100 0.11 -34.27 5.70
N LEU A 101 0.11 -33.55 6.82
CA LEU A 101 0.87 -34.01 8.00
C LEU A 101 0.66 -35.46 8.35
N SER A 102 -0.60 -35.90 8.35
CA SER A 102 -0.87 -37.29 8.71
CA SER A 102 -0.89 -37.28 8.70
C SER A 102 -0.28 -38.25 7.70
N LYS A 103 -0.25 -37.88 6.43
CA LYS A 103 0.29 -38.75 5.40
C LYS A 103 1.78 -39.01 5.61
N ILE A 104 2.49 -38.04 6.17
CA ILE A 104 3.92 -38.19 6.41
C ILE A 104 4.23 -38.52 7.86
N LYS A 105 3.20 -38.78 8.69
CA LYS A 105 3.37 -39.13 10.09
C LYS A 105 4.11 -38.03 10.85
N ALA A 106 3.76 -36.78 10.55
CA ALA A 106 4.34 -35.64 11.25
C ALA A 106 3.27 -34.89 12.02
N GLU A 107 3.69 -33.91 12.78
CA GLU A 107 2.77 -33.13 13.62
C GLU A 107 2.97 -31.65 13.35
N GLU A 108 1.99 -30.85 13.81
CA GLU A 108 2.12 -29.41 13.63
CA GLU A 108 2.10 -29.39 13.65
C GLU A 108 3.40 -28.86 14.25
N ALA A 109 3.83 -29.44 15.37
CA ALA A 109 5.06 -29.00 16.03
C ALA A 109 6.30 -29.16 15.15
N ASP A 110 6.23 -29.98 14.10
CA ASP A 110 7.36 -30.14 13.20
C ASP A 110 7.45 -29.01 12.17
N LEU A 111 6.37 -28.26 11.93
CA LEU A 111 6.46 -27.12 11.04
C LEU A 111 7.40 -26.04 11.55
N ARG A 112 8.07 -25.36 10.62
CA ARG A 112 8.99 -24.28 10.96
C ARG A 112 8.51 -22.94 10.39
N CYS A 113 7.28 -22.88 9.92
CA CYS A 113 6.61 -21.63 9.58
C CYS A 113 5.74 -21.18 10.74
N GLY A 114 5.38 -19.90 10.75
CA GLY A 114 4.54 -19.38 11.82
C GLY A 114 3.21 -18.79 11.33
N GLY A 115 2.29 -18.62 12.27
CA GLY A 115 1.00 -18.01 11.95
C GLY A 115 1.10 -16.52 11.67
N HIS A 116 0.07 -16.00 10.99
CA HIS A 116 0.01 -14.59 10.60
C HIS A 116 -1.45 -14.25 10.31
N PRO A 117 -1.80 -12.97 10.30
CA PRO A 117 -3.16 -12.59 9.91
C PRO A 117 -3.44 -13.09 8.50
N SER A 118 -4.67 -13.53 8.28
CA SER A 118 -5.03 -14.15 7.01
C SER A 118 -4.85 -13.20 5.83
N LEU A 119 -4.44 -13.78 4.69
CA LEU A 119 -4.42 -13.04 3.43
C LEU A 119 -5.80 -12.64 2.95
N SER A 120 -6.86 -13.22 3.49
CA SER A 120 -8.24 -12.81 3.20
C SER A 120 -8.72 -11.93 4.34
N GLU A 121 -9.14 -10.69 4.02
CA GLU A 121 -9.63 -9.83 5.09
C GLU A 121 -10.87 -10.42 5.73
N MET A 122 -11.75 -11.03 4.94
CA MET A 122 -12.94 -11.67 5.50
C MET A 122 -12.57 -12.78 6.50
N VAL A 123 -11.62 -13.65 6.14
CA VAL A 123 -11.17 -14.65 7.11
C VAL A 123 -10.62 -13.98 8.35
N ASN A 124 -9.75 -12.98 8.16
CA ASN A 124 -9.13 -12.34 9.32
C ASN A 124 -10.18 -11.73 10.24
N ARG A 125 -11.24 -11.13 9.68
CA ARG A 125 -12.28 -10.55 10.54
C ARG A 125 -12.97 -11.65 11.34
N SER A 126 -13.17 -12.81 10.71
CA SER A 126 -13.77 -13.93 11.42
C SER A 126 -12.86 -14.40 12.57
N TRP A 127 -11.55 -14.46 12.33
CA TRP A 127 -10.61 -14.79 13.40
C TRP A 127 -10.65 -13.77 14.52
N ILE A 128 -10.67 -12.47 14.17
CA ILE A 128 -10.70 -11.42 15.19
C ILE A 128 -11.94 -11.54 16.05
N LYS A 129 -13.09 -11.81 15.43
CA LYS A 129 -14.31 -11.94 16.20
C LYS A 129 -14.22 -13.06 17.21
N GLN A 130 -13.46 -14.11 16.89
CA GLN A 130 -13.36 -15.31 17.72
C GLN A 130 -12.11 -15.35 18.56
N ASP A 131 -11.38 -14.23 18.62
CA ASP A 131 -10.12 -14.15 19.37
C ASP A 131 -9.13 -15.22 18.95
N PHE A 132 -9.13 -15.59 17.68
CA PHE A 132 -8.26 -16.69 17.23
C PHE A 132 -6.83 -16.22 17.01
N ILE A 133 -5.87 -16.97 17.57
CA ILE A 133 -4.46 -16.71 17.37
C ILE A 133 -3.93 -17.74 16.36
N PRO A 134 -3.54 -17.33 15.16
CA PRO A 134 -3.10 -18.34 14.18
C PRO A 134 -1.77 -18.98 14.59
N THR A 135 -1.66 -20.26 14.27
CA THR A 135 -0.48 -21.06 14.58
C THR A 135 0.16 -21.54 13.28
N ALA A 136 1.19 -22.39 13.41
CA ALA A 136 1.98 -22.77 12.25
C ALA A 136 1.13 -23.39 11.16
N VAL A 137 0.15 -24.21 11.54
CA VAL A 137 -0.66 -24.92 10.55
C VAL A 137 -1.53 -23.95 9.74
N CYS A 138 -1.69 -22.70 10.18
CA CYS A 138 -2.49 -21.71 9.47
C CYS A 138 -1.66 -20.90 8.50
N SER A 139 -0.35 -21.07 8.47
CA SER A 139 0.50 -20.30 7.55
C SER A 139 0.02 -20.46 6.11
N ASN A 140 0.02 -19.36 5.34
CA ASN A 140 -0.37 -19.45 3.95
C ASN A 140 0.56 -20.37 3.17
N CYS A 141 1.77 -20.61 3.70
CA CYS A 141 2.75 -21.50 3.10
C CYS A 141 2.77 -22.88 3.73
N SER A 142 1.74 -23.23 4.50
CA SER A 142 1.74 -24.49 5.23
C SER A 142 1.93 -25.69 4.31
N GLY A 143 1.33 -25.68 3.12
CA GLY A 143 1.49 -26.82 2.21
C GLY A 143 2.92 -27.01 1.73
N LYS A 144 3.58 -25.91 1.37
CA LYS A 144 4.99 -25.98 1.00
C LYS A 144 5.83 -26.54 2.13
N HIS A 145 5.56 -26.09 3.36
CA HIS A 145 6.32 -26.58 4.50
C HIS A 145 6.08 -28.06 4.75
N VAL A 146 4.84 -28.53 4.64
CA VAL A 146 4.63 -29.97 4.79
C VAL A 146 5.38 -30.73 3.71
N GLY A 147 5.41 -30.17 2.48
CA GLY A 147 6.14 -30.83 1.39
C GLY A 147 7.64 -30.89 1.66
N MET A 148 8.21 -29.82 2.22
CA MET A 148 9.63 -29.86 2.52
CA MET A 148 9.63 -29.81 2.56
C MET A 148 9.95 -30.81 3.66
N LEU A 149 9.10 -30.84 4.71
CA LEU A 149 9.16 -31.92 5.71
CA LEU A 149 9.23 -31.87 5.71
C LEU A 149 9.15 -33.27 5.08
N ALA A 150 8.23 -33.47 4.13
CA ALA A 150 8.07 -34.76 3.48
C ALA A 150 9.35 -35.12 2.73
N GLY A 151 9.92 -34.17 2.01
CA GLY A 151 11.15 -34.44 1.29
C GLY A 151 12.31 -34.76 2.23
N ALA A 152 12.42 -34.00 3.31
CA ALA A 152 13.48 -34.25 4.29
C ALA A 152 13.36 -35.66 4.86
N ARG A 153 12.15 -36.06 5.25
CA ARG A 153 11.92 -37.41 5.76
C ARG A 153 12.14 -38.48 4.69
N ALA A 154 11.80 -38.20 3.43
CA ALA A 154 11.88 -39.21 2.37
C ALA A 154 13.31 -39.62 2.10
N ILE A 155 14.26 -38.69 2.21
CA ILE A 155 15.66 -39.04 2.00
C ILE A 155 16.39 -39.29 3.31
N GLY A 156 15.67 -39.30 4.43
CA GLY A 156 16.31 -39.66 5.68
C GLY A 156 17.18 -38.57 6.23
N ALA A 157 16.96 -37.34 5.79
CA ALA A 157 17.64 -36.21 6.38
C ALA A 157 16.94 -35.85 7.69
N GLY A 158 17.61 -35.06 8.50
CA GLY A 158 16.93 -34.53 9.66
C GLY A 158 15.70 -33.75 9.26
N THR A 159 14.69 -33.75 10.10
CA THR A 159 13.56 -32.84 9.88
C THR A 159 13.66 -31.52 10.66
N ASP A 160 14.45 -31.43 11.73
CA ASP A 160 14.38 -30.26 12.61
CA ASP A 160 14.37 -30.26 12.60
C ASP A 160 14.72 -28.97 11.88
N GLY A 161 15.68 -29.02 10.96
CA GLY A 161 16.19 -27.87 10.23
C GLY A 161 15.93 -27.93 8.73
N TYR A 162 14.79 -28.50 8.31
CA TYR A 162 14.53 -28.68 6.88
C TYR A 162 14.47 -27.35 6.16
N HIS A 163 14.25 -26.26 6.89
CA HIS A 163 14.10 -24.92 6.33
C HIS A 163 15.41 -24.15 6.24
N LEU A 164 16.53 -24.71 6.75
CA LEU A 164 17.78 -23.98 6.80
C LEU A 164 18.53 -24.13 5.49
N PRO A 165 19.26 -23.09 5.07
CA PRO A 165 19.98 -23.16 3.79
C PRO A 165 20.94 -24.34 3.68
N ASP A 166 21.54 -24.76 4.79
CA ASP A 166 22.52 -25.85 4.75
C ASP A 166 21.89 -27.24 4.74
N HIS A 167 20.55 -27.34 4.80
CA HIS A 167 19.87 -28.63 4.77
C HIS A 167 19.74 -29.12 3.32
N PRO A 168 19.88 -30.42 3.05
CA PRO A 168 19.78 -30.88 1.65
C PRO A 168 18.48 -30.53 0.95
N MET A 169 17.34 -30.42 1.65
CA MET A 169 16.13 -30.01 0.97
CA MET A 169 16.12 -30.00 1.00
C MET A 169 16.27 -28.60 0.41
N GLN A 170 16.95 -27.71 1.15
CA GLN A 170 17.12 -26.35 0.64
C GLN A 170 18.18 -26.32 -0.45
N GLY A 171 19.19 -27.18 -0.36
CA GLY A 171 20.11 -27.30 -1.47
C GLY A 171 19.41 -27.74 -2.75
N ARG A 172 18.47 -28.69 -2.62
CA ARG A 172 17.68 -29.12 -3.76
C ARG A 172 16.84 -27.98 -4.31
N VAL A 173 16.18 -27.22 -3.43
CA VAL A 173 15.36 -26.11 -3.89
C VAL A 173 16.22 -25.10 -4.64
N LYS A 174 17.38 -24.75 -4.06
CA LYS A 174 18.19 -23.71 -4.66
CA LYS A 174 18.25 -23.73 -4.64
C LYS A 174 18.67 -24.13 -6.05
N ARG A 175 19.06 -25.38 -6.20
CA ARG A 175 19.48 -25.89 -7.50
CA ARG A 175 19.48 -25.87 -7.50
C ARG A 175 18.31 -25.90 -8.49
N THR A 176 17.13 -26.34 -8.03
CA THR A 176 15.99 -26.47 -8.94
C THR A 176 15.52 -25.11 -9.47
N VAL A 177 15.52 -24.10 -8.61
CA VAL A 177 15.12 -22.75 -9.05
C VAL A 177 16.07 -22.24 -10.14
N ALA A 178 17.38 -22.33 -9.91
CA ALA A 178 18.30 -21.84 -10.91
C ALA A 178 18.17 -22.61 -12.22
N GLU A 179 17.96 -23.93 -12.12
CA GLU A 179 17.80 -24.75 -13.33
C GLU A 179 16.56 -24.35 -14.14
N LEU A 180 15.40 -24.15 -13.47
CA LEU A 180 14.23 -23.68 -14.21
C LEU A 180 14.42 -22.28 -14.81
N CYS A 181 15.18 -21.42 -14.15
CA CYS A 181 15.46 -20.11 -14.72
C CYS A 181 16.51 -20.14 -15.81
N ASP A 182 17.21 -21.27 -15.99
CA ASP A 182 18.38 -21.32 -16.86
C ASP A 182 19.44 -20.30 -16.47
N LEU A 183 19.70 -20.21 -15.15
CA LEU A 183 20.71 -19.35 -14.55
C LEU A 183 21.76 -20.16 -13.82
N ASP A 184 22.98 -19.64 -13.80
CA ASP A 184 23.97 -20.16 -12.88
C ASP A 184 23.58 -19.81 -11.44
N ALA A 185 24.03 -20.65 -10.49
CA ALA A 185 23.72 -20.44 -9.08
C ALA A 185 24.03 -19.03 -8.63
N GLY A 186 25.13 -18.44 -9.12
CA GLY A 186 25.50 -17.12 -8.67
C GLY A 186 24.62 -16.02 -9.19
N ASP A 187 23.77 -16.30 -10.17
CA ASP A 187 22.88 -15.28 -10.68
C ASP A 187 21.51 -15.29 -10.02
N VAL A 188 21.30 -16.13 -9.00
CA VAL A 188 20.09 -16.10 -8.19
C VAL A 188 20.51 -15.63 -6.80
N GLU A 189 19.82 -14.62 -6.29
CA GLU A 189 20.11 -14.13 -4.96
C GLU A 189 19.06 -14.65 -3.99
N TRP A 190 19.39 -14.71 -2.71
CA TRP A 190 18.51 -15.35 -1.74
C TRP A 190 18.35 -14.50 -0.50
N GLY A 191 17.09 -14.33 -0.06
CA GLY A 191 16.79 -13.77 1.24
C GLY A 191 15.93 -14.72 2.04
N THR A 192 15.22 -14.23 3.05
CA THR A 192 14.36 -15.06 3.88
C THR A 192 12.94 -14.55 3.77
N ASP A 193 11.97 -15.45 3.57
CA ASP A 193 10.55 -15.14 3.38
CA ASP A 193 10.61 -14.96 3.39
C ASP A 193 9.86 -14.93 4.72
N GLY A 194 8.58 -14.53 4.65
CA GLY A 194 7.76 -14.44 5.85
C GLY A 194 7.59 -15.77 6.57
N CYS A 195 7.61 -16.87 5.82
CA CYS A 195 7.44 -18.19 6.41
C CYS A 195 8.75 -18.81 6.88
N ASN A 196 9.85 -18.05 6.82
CA ASN A 196 11.18 -18.42 7.34
C ASN A 196 11.95 -19.41 6.45
N LEU A 197 11.57 -19.58 5.20
CA LEU A 197 12.36 -20.25 4.16
C LEU A 197 13.25 -19.33 3.34
N PRO A 198 14.31 -19.87 2.76
CA PRO A 198 15.05 -19.11 1.74
C PRO A 198 14.12 -18.76 0.59
N THR A 199 14.29 -17.56 0.03
CA THR A 199 13.42 -17.12 -1.04
C THR A 199 14.25 -16.42 -2.11
N PRO A 200 13.99 -16.71 -3.39
CA PRO A 200 14.94 -16.28 -4.44
C PRO A 200 14.57 -14.98 -5.12
N ALA A 201 15.59 -14.31 -5.66
CA ALA A 201 15.43 -13.15 -6.52
C ALA A 201 16.23 -13.41 -7.80
N PHE A 202 15.62 -13.07 -8.94
CA PHE A 202 16.24 -13.23 -10.24
C PHE A 202 15.54 -12.29 -11.22
N PRO A 203 16.06 -12.12 -12.43
CA PRO A 203 15.41 -11.18 -13.37
C PRO A 203 13.96 -11.56 -13.63
N LEU A 204 13.11 -10.54 -13.73
CA LEU A 204 11.66 -10.75 -13.79
C LEU A 204 11.30 -11.66 -14.98
N ASP A 205 12.00 -11.53 -16.10
CA ASP A 205 11.66 -12.35 -17.26
C ASP A 205 11.84 -13.82 -16.96
N ARG A 206 12.77 -14.16 -16.06
CA ARG A 206 12.96 -15.56 -15.75
C ARG A 206 11.81 -16.13 -14.93
N LEU A 207 11.09 -15.29 -14.21
CA LEU A 207 9.89 -15.78 -13.56
C LEU A 207 8.86 -16.14 -14.61
N GLY A 208 8.73 -15.29 -15.64
CA GLY A 208 7.90 -15.65 -16.79
C GLY A 208 8.35 -16.96 -17.43
N ARG A 209 9.67 -17.17 -17.50
CA ARG A 209 10.20 -18.39 -18.12
C ARG A 209 9.78 -19.64 -17.35
N ILE A 210 9.78 -19.59 -16.02
CA ILE A 210 9.34 -20.72 -15.22
C ILE A 210 7.92 -21.10 -15.57
N TYR A 211 7.04 -20.09 -15.65
CA TYR A 211 5.63 -20.36 -15.90
C TYR A 211 5.38 -20.75 -17.36
N ALA A 212 6.21 -20.28 -18.29
CA ALA A 212 6.10 -20.78 -19.66
C ALA A 212 6.47 -22.25 -19.73
N LYS A 213 7.43 -22.67 -18.90
CA LYS A 213 7.83 -24.06 -18.86
C LYS A 213 6.75 -24.95 -18.23
N LEU A 214 6.10 -24.50 -17.14
CA LEU A 214 4.85 -25.14 -16.66
C LEU A 214 3.84 -25.38 -17.76
N ALA A 215 3.45 -24.31 -18.45
CA ALA A 215 2.40 -24.47 -19.45
C ALA A 215 2.88 -25.33 -20.61
N SER A 216 4.13 -25.16 -21.03
CA SER A 216 4.67 -25.98 -22.11
C SER A 216 4.67 -27.45 -21.73
N ALA A 217 5.01 -27.77 -20.48
CA ALA A 217 4.98 -29.16 -20.03
C ALA A 217 3.55 -29.71 -20.02
N ALA A 218 2.58 -28.88 -19.61
CA ALA A 218 1.18 -29.30 -19.66
C ALA A 218 0.75 -29.61 -21.09
N ASP A 219 1.18 -28.77 -22.04
CA ASP A 219 0.90 -29.00 -23.45
C ASP A 219 1.53 -30.30 -23.94
N GLY A 220 2.78 -30.56 -23.55
CA GLY A 220 3.46 -31.77 -24.04
C GLY A 220 2.91 -33.03 -23.45
N SER A 221 2.47 -32.99 -22.19
CA SER A 221 1.83 -34.15 -21.57
C SER A 221 0.49 -34.42 -22.21
N ASP A 222 -0.31 -33.37 -22.41
CA ASP A 222 -1.58 -33.46 -23.11
C ASP A 222 -1.41 -34.09 -24.48
N ALA A 223 -0.30 -33.77 -25.16
CA ALA A 223 -0.06 -34.20 -26.53
C ALA A 223 0.61 -35.57 -26.65
N GLY A 224 1.04 -36.17 -25.54
CA GLY A 224 1.64 -37.50 -25.62
C GLY A 224 3.10 -37.51 -26.03
N GLU A 225 3.84 -36.44 -25.75
CA GLU A 225 5.24 -36.37 -26.11
C GLU A 225 6.09 -37.13 -25.10
N GLY A 226 7.25 -37.60 -25.57
CA GLY A 226 8.23 -38.14 -24.66
C GLY A 226 8.75 -37.06 -23.73
N GLN A 227 8.37 -37.12 -22.46
CA GLN A 227 8.78 -36.10 -21.49
C GLN A 227 9.78 -36.69 -20.51
N SER A 228 10.77 -35.89 -20.15
CA SER A 228 11.61 -36.27 -19.04
C SER A 228 10.76 -36.38 -17.78
N THR A 229 11.34 -36.93 -16.72
CA THR A 229 10.60 -36.99 -15.47
C THR A 229 10.31 -35.57 -14.98
N ARG A 230 11.20 -34.63 -15.28
CA ARG A 230 10.98 -33.24 -14.85
C ARG A 230 9.79 -32.61 -15.57
N CYS A 231 9.68 -32.80 -16.88
CA CYS A 231 8.56 -32.23 -17.61
C CYS A 231 7.25 -32.87 -17.17
N ALA A 232 7.26 -34.19 -16.95
CA ALA A 232 6.08 -34.83 -16.40
C ALA A 232 5.66 -34.20 -15.07
N ALA A 233 6.64 -33.90 -14.21
CA ALA A 233 6.31 -33.30 -12.92
C ALA A 233 5.78 -31.88 -13.09
N LEU A 234 6.40 -31.08 -13.96
CA LEU A 234 5.84 -29.75 -14.29
C LEU A 234 4.41 -29.83 -14.77
N ALA A 235 4.12 -30.78 -15.68
CA ALA A 235 2.76 -30.93 -16.16
C ALA A 235 1.81 -31.25 -15.01
N HIS A 236 2.27 -32.09 -14.07
CA HIS A 236 1.43 -32.45 -12.94
C HIS A 236 1.16 -31.24 -12.07
N ILE A 237 2.17 -30.41 -11.86
CA ILE A 237 2.00 -29.20 -11.06
C ILE A 237 1.00 -28.27 -11.73
N PHE A 238 1.14 -28.04 -13.04
CA PHE A 238 0.17 -27.21 -13.76
C PHE A 238 -1.23 -27.78 -13.58
N ARG A 239 -1.39 -29.08 -13.83
CA ARG A 239 -2.72 -29.68 -13.71
CA ARG A 239 -2.71 -29.70 -13.70
C ARG A 239 -3.28 -29.54 -12.30
N ALA A 240 -2.44 -29.72 -11.28
CA ALA A 240 -2.95 -29.63 -9.91
C ALA A 240 -3.45 -28.23 -9.60
N MET A 241 -2.70 -27.21 -10.01
CA MET A 241 -3.10 -25.83 -9.75
C MET A 241 -4.41 -25.50 -10.46
N ALA A 242 -4.53 -25.88 -11.74
CA ALA A 242 -5.71 -25.57 -12.51
C ALA A 242 -6.93 -26.35 -12.03
N ARG A 243 -6.74 -27.57 -11.55
CA ARG A 243 -7.86 -28.38 -11.08
C ARG A 243 -8.34 -27.97 -9.70
N HIS A 244 -7.45 -27.44 -8.87
CA HIS A 244 -7.78 -27.09 -7.48
C HIS A 244 -7.36 -25.66 -7.17
N PRO A 245 -7.87 -24.68 -7.95
CA PRO A 245 -7.40 -23.29 -7.76
C PRO A 245 -7.82 -22.70 -6.42
N GLU A 246 -8.84 -23.26 -5.77
CA GLU A 246 -9.23 -22.78 -4.44
CA GLU A 246 -9.24 -22.81 -4.44
C GLU A 246 -8.18 -23.16 -3.40
N MET A 247 -7.41 -24.23 -3.61
CA MET A 247 -6.31 -24.55 -2.73
C MET A 247 -5.15 -23.58 -2.91
N VAL A 248 -4.95 -23.06 -4.12
CA VAL A 248 -3.83 -22.16 -4.40
C VAL A 248 -4.04 -20.82 -3.71
N ALA A 249 -5.29 -20.43 -3.49
CA ALA A 249 -5.55 -19.14 -2.87
C ALA A 249 -6.79 -19.23 -1.98
N GLY A 250 -7.98 -19.05 -2.52
CA GLY A 250 -9.18 -19.21 -1.74
C GLY A 250 -10.34 -18.46 -2.35
N GLU A 251 -11.47 -18.50 -1.65
CA GLU A 251 -12.68 -17.84 -2.15
C GLU A 251 -12.44 -16.34 -2.35
N GLY A 252 -12.86 -15.81 -3.49
CA GLY A 252 -12.69 -14.40 -3.74
C GLY A 252 -11.29 -13.95 -4.11
N ARG A 253 -10.30 -14.84 -4.08
CA ARG A 253 -8.94 -14.40 -4.35
C ARG A 253 -8.72 -14.35 -5.85
N TYR A 254 -7.85 -13.43 -6.27
CA TYR A 254 -7.60 -13.25 -7.70
C TYR A 254 -7.12 -14.56 -8.34
N CYS A 255 -6.13 -15.23 -7.74
CA CYS A 255 -5.58 -16.43 -8.39
C CYS A 255 -6.67 -17.47 -8.62
N THR A 256 -7.55 -17.65 -7.63
CA THR A 256 -8.60 -18.64 -7.75
C THR A 256 -9.61 -18.25 -8.81
N MET A 257 -10.04 -16.98 -8.80
CA MET A 257 -11.04 -16.53 -9.76
C MET A 257 -10.46 -16.53 -11.18
N LEU A 258 -9.21 -16.11 -11.33
CA LEU A 258 -8.52 -16.16 -12.61
C LEU A 258 -8.49 -17.59 -13.14
N MET A 259 -8.00 -18.52 -12.33
CA MET A 259 -7.89 -19.89 -12.86
C MET A 259 -9.24 -20.53 -13.10
N ARG A 260 -10.24 -20.28 -12.24
CA ARG A 260 -11.58 -20.79 -12.52
CA ARG A 260 -11.58 -20.79 -12.52
C ARG A 260 -12.13 -20.24 -13.83
N ALA A 261 -11.95 -18.94 -14.08
CA ALA A 261 -12.48 -18.34 -15.30
C ALA A 261 -11.89 -19.00 -16.54
N PHE A 262 -10.59 -19.35 -16.46
CA PHE A 262 -9.87 -19.89 -17.62
C PHE A 262 -9.96 -21.41 -17.76
N ASP A 263 -10.40 -22.12 -16.72
CA ASP A 263 -10.83 -23.52 -16.83
C ASP A 263 -9.77 -24.42 -17.46
N GLY A 264 -8.52 -24.24 -17.05
CA GLY A 264 -7.43 -25.06 -17.52
C GLY A 264 -6.53 -24.41 -18.56
N ALA A 265 -6.93 -23.27 -19.11
CA ALA A 265 -6.13 -22.63 -20.14
C ALA A 265 -4.85 -21.99 -19.59
N LEU A 266 -4.81 -21.67 -18.30
CA LEU A 266 -3.63 -21.05 -17.72
C LEU A 266 -3.59 -21.33 -16.23
N VAL A 267 -2.42 -21.09 -15.65
CA VAL A 267 -2.27 -21.02 -14.20
C VAL A 267 -1.68 -19.66 -13.86
N GLY A 268 -2.03 -19.17 -12.68
CA GLY A 268 -1.53 -17.88 -12.21
C GLY A 268 -1.22 -17.95 -10.73
N LYS A 269 -0.27 -17.14 -10.29
CA LYS A 269 0.17 -17.17 -8.91
C LYS A 269 0.67 -15.80 -8.45
N LEU A 270 0.24 -15.38 -7.27
CA LEU A 270 0.69 -14.15 -6.63
C LEU A 270 2.02 -14.33 -5.88
N GLY A 271 2.88 -13.30 -5.96
CA GLY A 271 3.99 -13.14 -5.01
C GLY A 271 3.72 -11.89 -4.18
N ALA A 272 4.00 -11.98 -2.89
CA ALA A 272 3.82 -10.83 -2.02
C ALA A 272 4.64 -9.65 -2.52
N ASP A 273 4.21 -8.44 -2.10
CA ASP A 273 4.78 -7.20 -2.61
C ASP A 273 4.59 -7.04 -4.11
N ALA A 274 3.53 -7.65 -4.60
CA ALA A 274 2.91 -7.32 -5.90
C ALA A 274 3.75 -7.84 -7.05
N SER A 275 4.09 -9.13 -7.05
CA SER A 275 4.50 -9.77 -8.29
CA SER A 275 4.51 -9.78 -8.28
C SER A 275 3.44 -10.77 -8.70
N TYR A 276 3.39 -11.07 -9.99
CA TYR A 276 2.40 -12.02 -10.48
C TYR A 276 3.02 -12.83 -11.62
N ALA A 277 2.66 -14.12 -11.71
CA ALA A 277 3.16 -14.94 -12.82
C ALA A 277 2.04 -15.78 -13.39
N ILE A 278 1.98 -15.89 -14.72
CA ILE A 278 0.98 -16.69 -15.41
C ILE A 278 1.66 -17.59 -16.43
N GLY A 279 1.24 -18.85 -16.49
CA GLY A 279 1.67 -19.76 -17.53
C GLY A 279 0.48 -20.08 -18.42
N VAL A 280 0.58 -19.79 -19.73
CA VAL A 280 -0.53 -19.90 -20.67
C VAL A 280 -0.24 -21.04 -21.64
N ARG A 281 -1.13 -22.03 -21.68
CA ARG A 281 -1.02 -23.12 -22.65
C ARG A 281 -1.22 -22.58 -24.08
N ALA A 282 -0.58 -23.24 -25.05
CA ALA A 282 -0.69 -22.78 -26.42
C ALA A 282 -2.16 -22.74 -26.84
N SER A 283 -2.52 -21.70 -27.59
CA SER A 283 -3.91 -21.42 -27.92
C SER A 283 -3.96 -20.52 -29.14
N ASP A 284 -5.19 -20.28 -29.64
CA ASP A 284 -5.35 -19.32 -30.71
C ASP A 284 -4.74 -17.98 -30.31
N ALA A 285 -4.90 -17.57 -29.05
CA ALA A 285 -4.38 -16.29 -28.60
C ALA A 285 -2.85 -16.27 -28.63
N THR A 286 -2.20 -17.34 -28.15
CA THR A 286 -0.73 -17.34 -28.16
C THR A 286 -0.18 -17.35 -29.58
N ARG A 287 -0.80 -18.14 -30.47
CA ARG A 287 -0.36 -18.12 -31.86
C ARG A 287 -0.51 -16.73 -32.47
N GLN A 288 -1.57 -16.00 -32.08
CA GLN A 288 -1.78 -14.66 -32.62
C GLN A 288 -0.69 -13.70 -32.16
N LEU A 289 -0.15 -13.92 -30.96
CA LEU A 289 0.99 -13.16 -30.42
C LEU A 289 2.30 -13.50 -31.08
N GLY A 290 2.34 -14.47 -31.97
CA GLY A 290 3.53 -14.77 -32.72
C GLY A 290 4.41 -15.86 -32.17
N THR A 291 3.88 -16.77 -31.35
CA THR A 291 4.66 -17.89 -30.85
C THR A 291 3.90 -19.19 -31.13
N ASP A 292 4.65 -20.26 -31.37
CA ASP A 292 4.06 -21.55 -31.68
CA ASP A 292 4.06 -21.55 -31.69
C ASP A 292 3.93 -22.47 -30.48
N GLY A 293 4.28 -22.00 -29.27
CA GLY A 293 4.19 -22.81 -28.08
C GLY A 293 3.47 -22.06 -26.96
N ALA A 294 3.75 -22.49 -25.73
CA ALA A 294 3.20 -21.86 -24.54
C ALA A 294 3.87 -20.51 -24.27
N LEU A 295 3.28 -19.72 -23.37
CA LEU A 295 3.96 -18.49 -23.03
CA LEU A 295 3.72 -18.37 -23.06
C LEU A 295 3.82 -18.23 -21.54
N GLY A 296 4.70 -17.38 -21.06
CA GLY A 296 4.72 -17.01 -19.65
C GLY A 296 4.62 -15.50 -19.51
N ILE A 297 3.95 -15.05 -18.44
CA ILE A 297 3.80 -13.62 -18.17
C ILE A 297 4.28 -13.38 -16.74
N SER A 298 5.09 -12.35 -16.52
CA SER A 298 5.45 -11.99 -15.16
C SER A 298 5.31 -10.48 -15.01
N VAL A 299 4.87 -10.04 -13.84
CA VAL A 299 4.57 -8.63 -13.61
C VAL A 299 5.07 -8.25 -12.21
N LYS A 300 5.62 -7.04 -12.06
CA LYS A 300 5.93 -6.50 -10.73
C LYS A 300 5.47 -5.05 -10.70
N ILE A 301 4.71 -4.68 -9.67
CA ILE A 301 4.41 -3.27 -9.40
C ILE A 301 5.51 -2.75 -8.48
N GLU A 302 6.22 -1.71 -8.94
CA GLU A 302 7.47 -1.30 -8.29
C GLU A 302 7.27 -0.99 -6.81
N ASP A 303 6.15 -0.38 -6.46
CA ASP A 303 5.92 0.06 -5.08
C ASP A 303 5.18 -0.99 -4.26
N GLY A 304 4.80 -2.13 -4.86
CA GLY A 304 4.21 -3.20 -4.08
C GLY A 304 2.72 -3.21 -3.91
N ASN A 305 1.96 -2.36 -4.61
CA ASN A 305 0.52 -2.30 -4.40
C ASN A 305 -0.23 -3.45 -5.07
N LEU A 306 -0.92 -4.25 -4.27
CA LEU A 306 -1.61 -5.44 -4.79
CA LEU A 306 -1.61 -5.44 -4.75
C LEU A 306 -2.85 -5.09 -5.61
N GLU A 307 -3.63 -4.11 -5.19
CA GLU A 307 -4.83 -3.75 -5.95
C GLU A 307 -4.45 -3.35 -7.38
N MET A 308 -3.37 -2.58 -7.50
CA MET A 308 -2.89 -2.19 -8.81
C MET A 308 -2.34 -3.38 -9.58
N LEU A 309 -1.67 -4.32 -8.90
CA LEU A 309 -1.21 -5.52 -9.59
C LEU A 309 -2.37 -6.22 -10.31
N TYR A 310 -3.45 -6.49 -9.59
CA TYR A 310 -4.51 -7.26 -10.20
C TYR A 310 -5.19 -6.49 -11.32
N ALA A 311 -5.30 -5.17 -11.18
CA ALA A 311 -5.84 -4.35 -12.26
C ALA A 311 -4.95 -4.46 -13.50
N VAL A 312 -3.63 -4.33 -13.31
CA VAL A 312 -2.71 -4.35 -14.44
C VAL A 312 -2.67 -5.74 -15.10
N VAL A 313 -2.65 -6.80 -14.29
CA VAL A 313 -2.61 -8.14 -14.88
C VAL A 313 -3.85 -8.35 -15.74
N THR A 314 -5.01 -7.92 -15.25
CA THR A 314 -6.22 -8.13 -16.04
C THR A 314 -6.21 -7.28 -17.31
N GLU A 315 -5.72 -6.04 -17.21
CA GLU A 315 -5.57 -5.21 -18.40
C GLU A 315 -4.62 -5.84 -19.41
N LEU A 316 -3.52 -6.41 -18.93
CA LEU A 316 -2.57 -7.09 -19.83
CA LEU A 316 -2.56 -7.06 -19.82
C LEU A 316 -3.17 -8.27 -20.55
N LEU A 317 -3.93 -9.10 -19.84
CA LEU A 317 -4.66 -10.18 -20.50
C LEU A 317 -5.55 -9.65 -21.60
N GLU A 318 -6.25 -8.53 -21.36
CA GLU A 318 -7.09 -7.95 -22.41
C GLU A 318 -6.24 -7.46 -23.59
N ARG A 319 -5.12 -6.80 -23.32
CA ARG A 319 -4.29 -6.33 -24.41
C ARG A 319 -3.66 -7.47 -25.21
N LEU A 320 -3.34 -8.59 -24.54
CA LEU A 320 -2.79 -9.79 -25.18
C LEU A 320 -3.83 -10.65 -25.85
N GLY A 321 -5.12 -10.36 -25.68
CA GLY A 321 -6.17 -11.15 -26.31
C GLY A 321 -6.36 -12.49 -25.67
N ILE A 322 -5.89 -12.67 -24.43
CA ILE A 322 -5.91 -13.99 -23.79
C ILE A 322 -7.26 -14.16 -23.10
N GLY A 323 -8.01 -15.17 -23.56
CA GLY A 323 -9.37 -15.38 -23.12
C GLY A 323 -10.37 -14.60 -23.95
N SER A 324 -11.61 -14.87 -23.73
CA SER A 324 -12.60 -14.06 -24.42
C SER A 324 -13.03 -12.89 -23.54
N PRO A 325 -13.67 -11.86 -24.14
CA PRO A 325 -14.32 -10.83 -23.32
C PRO A 325 -15.23 -11.38 -22.24
N ASP A 326 -15.98 -12.43 -22.54
CA ASP A 326 -16.87 -13.03 -21.54
C ASP A 326 -16.08 -13.65 -20.40
N VAL A 327 -15.02 -14.39 -20.70
CA VAL A 327 -14.19 -14.99 -19.67
C VAL A 327 -13.53 -13.91 -18.80
N ARG A 328 -12.93 -12.91 -19.44
CA ARG A 328 -12.28 -11.86 -18.67
C ARG A 328 -13.27 -11.01 -17.86
N SER A 329 -14.55 -11.01 -18.22
CA SER A 329 -15.52 -10.19 -17.48
C SER A 329 -15.74 -10.69 -16.06
N GLN A 330 -15.42 -11.96 -15.77
CA GLN A 330 -15.45 -12.48 -14.40
C GLN A 330 -14.44 -11.78 -13.49
N LEU A 331 -13.48 -11.07 -14.05
CA LEU A 331 -12.47 -10.37 -13.26
C LEU A 331 -12.71 -8.87 -13.26
N ALA A 332 -13.91 -8.43 -13.66
CA ALA A 332 -14.17 -7.01 -13.83
C ALA A 332 -13.91 -6.22 -12.53
N SER A 333 -14.21 -6.81 -11.36
CA SER A 333 -14.02 -6.11 -10.09
C SER A 333 -12.55 -5.83 -9.78
N PHE A 334 -11.64 -6.66 -10.29
CA PHE A 334 -10.20 -6.42 -10.17
C PHE A 334 -9.68 -5.49 -11.24
N HIS A 335 -10.23 -5.59 -12.44
CA HIS A 335 -9.72 -4.83 -13.56
C HIS A 335 -9.88 -3.34 -13.33
N HIS A 336 -11.07 -2.93 -12.87
CA HIS A 336 -11.37 -1.54 -12.57
C HIS A 336 -11.88 -1.50 -11.15
N PRO A 337 -10.98 -1.39 -10.17
CA PRO A 337 -11.38 -1.44 -8.76
C PRO A 337 -12.39 -0.35 -8.41
N GLN A 338 -13.30 -0.69 -7.52
CA GLN A 338 -14.34 0.24 -7.08
C GLN A 338 -13.72 1.46 -6.40
N ARG A 339 -14.28 2.63 -6.72
CA ARG A 339 -13.86 3.90 -6.12
C ARG A 339 -15.12 4.65 -5.72
N VAL A 340 -15.77 4.14 -4.68
CA VAL A 340 -17.06 4.62 -4.21
C VAL A 340 -16.92 5.04 -2.75
N ASN A 341 -17.46 6.22 -2.43
CA ASN A 341 -17.20 6.80 -1.13
C ASN A 341 -18.19 6.29 -0.10
N THR A 342 -18.12 6.85 1.12
CA THR A 342 -18.97 6.35 2.21
C THR A 342 -20.44 6.66 1.98
N MET A 343 -20.76 7.44 0.96
CA MET A 343 -22.15 7.80 0.66
C MET A 343 -22.59 7.29 -0.71
N GLY A 344 -21.83 6.37 -1.29
CA GLY A 344 -22.22 5.72 -2.53
C GLY A 344 -21.88 6.46 -3.80
N VAL A 345 -21.07 7.52 -3.72
CA VAL A 345 -20.71 8.33 -4.87
C VAL A 345 -19.38 7.86 -5.45
N THR A 346 -19.34 7.64 -6.77
CA THR A 346 -18.09 7.28 -7.45
C THR A 346 -17.18 8.49 -7.48
N THR A 347 -15.97 8.35 -6.92
CA THR A 347 -15.07 9.49 -6.81
C THR A 347 -13.89 9.45 -7.76
N GLY A 348 -13.66 8.34 -8.44
CA GLY A 348 -12.47 8.27 -9.27
C GLY A 348 -12.37 6.95 -9.98
N GLY A 349 -11.18 6.66 -10.46
CA GLY A 349 -10.98 5.44 -11.22
C GLY A 349 -9.51 5.16 -11.44
N VAL A 350 -9.28 4.20 -12.34
CA VAL A 350 -7.95 3.69 -12.65
CA VAL A 350 -7.94 3.70 -12.65
C VAL A 350 -7.75 3.80 -14.15
N SER A 351 -6.54 4.14 -14.58
CA SER A 351 -6.16 4.27 -15.98
CA SER A 351 -6.21 4.19 -15.99
C SER A 351 -4.85 3.56 -16.22
N PHE A 352 -4.65 3.13 -17.47
CA PHE A 352 -3.49 2.33 -17.88
C PHE A 352 -2.78 3.00 -19.04
N PRO A 353 -2.07 4.08 -18.78
CA PRO A 353 -1.39 4.78 -19.87
C PRO A 353 -0.20 4.03 -20.44
N PHE A 354 0.06 2.82 -19.96
CA PHE A 354 1.22 2.09 -20.49
C PHE A 354 0.95 1.52 -21.90
N LYS A 355 2.03 1.14 -22.57
CA LYS A 355 1.88 0.53 -23.90
C LYS A 355 2.85 -0.62 -23.97
N LEU A 356 2.35 -1.82 -24.33
CA LEU A 356 3.23 -2.95 -24.63
C LEU A 356 4.24 -2.66 -25.71
N ARG A 357 5.49 -2.97 -25.38
CA ARG A 357 6.60 -2.96 -26.33
C ARG A 357 6.71 -4.36 -26.89
N GLY A 358 6.82 -4.47 -28.21
CA GLY A 358 6.95 -5.77 -28.83
C GLY A 358 8.34 -6.06 -29.29
N ILE B 2 24.83 5.57 -8.74
CA ILE B 2 26.23 5.04 -8.88
C ILE B 2 27.16 6.22 -9.10
N ASP B 3 26.62 7.40 -9.41
CA ASP B 3 27.47 8.60 -9.54
C ASP B 3 26.93 9.68 -8.59
N PRO B 4 27.60 9.96 -7.45
CA PRO B 4 27.08 10.95 -6.50
C PRO B 4 26.98 12.34 -7.07
N PHE B 5 27.61 12.61 -8.21
CA PHE B 5 27.68 13.96 -8.72
C PHE B 5 26.67 14.23 -9.84
N THR B 6 25.80 13.27 -10.16
CA THR B 6 24.76 13.50 -11.15
C THR B 6 23.39 13.13 -10.59
N MET B 7 23.22 13.16 -9.26
CA MET B 7 21.94 12.76 -8.68
C MET B 7 20.85 13.78 -9.00
N THR B 8 19.60 13.30 -9.06
CA THR B 8 18.50 14.10 -9.59
C THR B 8 17.24 13.87 -8.77
N PRO B 9 16.28 14.80 -8.86
CA PRO B 9 15.00 14.61 -8.12
C PRO B 9 14.30 13.32 -8.48
N SER B 10 14.46 12.85 -9.73
CA SER B 10 13.83 11.61 -10.18
CA SER B 10 13.84 11.61 -10.18
C SER B 10 14.37 10.40 -9.44
N GLU B 11 15.44 10.55 -8.67
CA GLU B 11 16.04 9.47 -7.91
C GLU B 11 15.75 9.62 -6.41
N ASP B 12 14.79 10.45 -6.02
CA ASP B 12 14.45 10.58 -4.60
C ASP B 12 13.48 9.47 -4.21
N PHE B 13 14.00 8.44 -3.53
CA PHE B 13 13.25 7.24 -3.20
C PHE B 13 13.35 6.91 -1.72
N VAL B 14 12.32 6.19 -1.25
CA VAL B 14 12.41 5.35 -0.06
C VAL B 14 12.26 3.91 -0.53
N VAL B 15 13.11 3.03 0.00
CA VAL B 15 13.28 1.68 -0.54
C VAL B 15 13.20 0.67 0.60
N THR B 16 12.51 -0.44 0.37
CA THR B 16 12.59 -1.55 1.31
C THR B 16 13.37 -2.69 0.69
N ASP B 17 14.07 -3.44 1.53
CA ASP B 17 14.88 -4.54 1.06
C ASP B 17 14.61 -5.78 1.88
N ARG B 18 14.93 -6.92 1.28
CA ARG B 18 14.86 -8.21 1.95
C ARG B 18 16.27 -8.81 1.85
N GLY B 19 16.99 -8.84 2.97
CA GLY B 19 18.37 -9.34 2.92
C GLY B 19 19.25 -8.58 1.95
N GLY B 20 19.00 -7.27 1.80
CA GLY B 20 19.77 -6.42 0.89
C GLY B 20 19.28 -6.42 -0.53
N ILE B 21 18.30 -7.25 -0.85
CA ILE B 21 17.74 -7.30 -2.19
C ILE B 21 16.55 -6.34 -2.22
N VAL B 22 16.50 -5.48 -3.24
CA VAL B 22 15.42 -4.49 -3.30
C VAL B 22 14.06 -5.18 -3.43
N GLU B 23 13.13 -4.81 -2.55
CA GLU B 23 11.77 -5.30 -2.58
C GLU B 23 10.90 -4.29 -3.32
N ASN B 24 10.59 -3.17 -2.68
CA ASN B 24 9.78 -2.10 -3.28
C ASN B 24 10.55 -0.79 -3.24
N SER B 25 10.27 0.08 -4.18
CA SER B 25 10.75 1.45 -4.08
C SER B 25 9.60 2.41 -4.31
N HIS B 26 9.71 3.58 -3.65
CA HIS B 26 8.60 4.56 -3.63
C HIS B 26 9.19 5.93 -3.88
N ARG B 27 8.63 6.66 -4.87
CA ARG B 27 9.12 8.02 -5.12
C ARG B 27 8.58 9.00 -4.07
N VAL B 28 9.44 9.91 -3.64
CA VAL B 28 9.13 10.91 -2.61
C VAL B 28 9.10 12.29 -3.24
N HIS B 29 8.12 13.09 -2.87
CA HIS B 29 8.09 14.52 -3.19
C HIS B 29 7.95 15.28 -1.89
N ALA B 30 8.67 16.40 -1.76
CA ALA B 30 8.55 17.19 -0.53
C ALA B 30 8.91 18.63 -0.78
N ALA B 31 8.27 19.52 -0.02
CA ALA B 31 8.56 20.94 -0.06
C ALA B 31 8.77 21.44 1.35
N VAL B 32 9.79 22.27 1.58
CA VAL B 32 9.97 22.95 2.85
C VAL B 32 9.96 24.42 2.52
N VAL B 33 9.02 25.18 3.10
CA VAL B 33 8.83 26.57 2.71
C VAL B 33 8.84 27.48 3.92
N ASP B 34 9.15 28.77 3.68
CA ASP B 34 9.04 29.76 4.75
C ASP B 34 7.61 30.26 4.88
N ALA B 35 7.41 31.24 5.79
CA ALA B 35 6.07 31.71 6.14
C ALA B 35 5.37 32.43 4.98
N LYS B 36 6.14 32.88 3.98
CA LYS B 36 5.59 33.46 2.76
C LYS B 36 5.51 32.45 1.63
N GLY B 37 5.90 31.19 1.85
CA GLY B 37 5.85 30.20 0.82
C GLY B 37 7.11 30.08 -0.03
N ARG B 38 8.16 30.85 0.28
CA ARG B 38 9.41 30.70 -0.48
C ARG B 38 9.98 29.31 -0.26
N LEU B 39 10.42 28.66 -1.34
CA LEU B 39 10.82 27.27 -1.23
C LEU B 39 12.27 27.25 -0.70
N LEU B 40 12.49 26.55 0.41
CA LEU B 40 13.79 26.47 1.05
C LEU B 40 14.50 25.16 0.72
N TYR B 41 13.78 24.05 0.76
CA TYR B 41 14.34 22.72 0.46
C TYR B 41 13.30 21.89 -0.28
N ALA B 42 13.76 20.86 -1.00
CA ALA B 42 12.86 20.05 -1.80
C ALA B 42 13.37 18.62 -1.93
N LEU B 43 12.42 17.69 -2.12
CA LEU B 43 12.65 16.36 -2.71
C LEU B 43 11.69 16.20 -3.88
N GLY B 44 12.12 15.44 -4.88
CA GLY B 44 11.20 15.14 -5.96
C GLY B 44 10.72 16.41 -6.64
N ASN B 45 9.40 16.45 -6.85
CA ASN B 45 8.77 17.62 -7.49
C ASN B 45 8.02 18.39 -6.41
N PRO B 46 8.58 19.49 -5.88
CA PRO B 46 7.90 20.18 -4.77
C PRO B 46 6.67 20.94 -5.22
N THR B 47 6.42 21.04 -6.53
CA THR B 47 5.20 21.69 -7.00
C THR B 47 4.20 20.70 -7.60
N ARG B 48 4.41 19.40 -7.37
CA ARG B 48 3.48 18.39 -7.85
C ARG B 48 2.03 18.75 -7.52
N MET B 49 1.17 18.77 -8.53
CA MET B 49 -0.25 18.95 -8.26
CA MET B 49 -0.26 18.93 -8.28
C MET B 49 -0.73 17.78 -7.41
N THR B 50 -1.25 18.08 -6.21
CA THR B 50 -1.52 17.04 -5.22
C THR B 50 -2.85 17.27 -4.51
N LEU B 51 -3.69 16.21 -4.44
CA LEU B 51 -4.87 16.16 -3.54
C LEU B 51 -4.44 16.21 -2.08
N ALA B 52 -4.74 17.33 -1.42
CA ALA B 52 -4.35 17.48 -0.02
C ALA B 52 -5.15 16.55 0.88
N ARG B 53 -6.36 16.15 0.45
CA ARG B 53 -7.21 15.28 1.26
C ARG B 53 -7.37 15.86 2.65
N ALA B 54 -7.28 15.05 3.71
CA ALA B 54 -7.54 15.61 5.03
C ALA B 54 -6.47 16.59 5.49
N ALA B 55 -5.35 16.69 4.77
CA ALA B 55 -4.38 17.69 5.19
C ALA B 55 -4.91 19.10 4.91
N ALA B 56 -5.98 19.23 4.12
CA ALA B 56 -6.64 20.51 3.97
C ALA B 56 -7.56 20.88 5.14
N LYS B 57 -7.77 19.99 6.10
CA LYS B 57 -8.77 20.27 7.14
CA LYS B 57 -8.76 20.25 7.15
C LYS B 57 -8.53 21.54 7.93
N PRO B 58 -7.31 21.94 8.28
CA PRO B 58 -7.18 23.22 9.00
C PRO B 58 -7.68 24.40 8.18
N ALA B 59 -7.54 24.34 6.84
CA ALA B 59 -8.14 25.39 5.99
C ALA B 59 -9.65 25.35 5.99
N GLN B 60 -10.23 24.16 5.96
CA GLN B 60 -11.68 24.06 6.06
C GLN B 60 -12.16 24.53 7.44
N ALA B 61 -11.38 24.21 8.49
CA ALA B 61 -11.74 24.71 9.82
C ALA B 61 -11.72 26.22 9.88
N LEU B 62 -10.75 26.85 9.19
CA LEU B 62 -10.70 28.30 9.16
C LEU B 62 -11.96 28.84 8.52
N ALA B 63 -12.41 28.22 7.42
CA ALA B 63 -13.62 28.70 6.76
C ALA B 63 -14.82 28.58 7.70
N ILE B 64 -14.92 27.48 8.46
CA ILE B 64 -15.96 27.33 9.48
C ILE B 64 -15.86 28.43 10.54
N LEU B 65 -14.67 28.63 11.11
CA LEU B 65 -14.51 29.61 12.21
C LEU B 65 -14.70 31.05 11.76
N GLU B 66 -14.46 31.33 10.48
CA GLU B 66 -14.70 32.67 9.93
C GLU B 66 -16.14 32.84 9.48
N THR B 67 -16.99 31.85 9.67
CA THR B 67 -18.39 32.02 9.29
C THR B 67 -19.10 32.78 10.39
N GLU B 68 -19.73 33.91 10.02
CA GLU B 68 -20.28 34.80 11.01
C GLU B 68 -21.42 34.13 11.78
N GLY B 69 -21.33 34.17 13.10
CA GLY B 69 -22.30 33.53 13.95
C GLY B 69 -21.83 32.21 14.53
N VAL B 70 -20.79 31.59 13.97
CA VAL B 70 -20.35 30.30 14.51
C VAL B 70 -19.80 30.45 15.93
N ALA B 71 -19.21 31.59 16.24
CA ALA B 71 -18.61 31.76 17.56
C ALA B 71 -19.64 31.61 18.67
N GLY B 72 -20.90 31.92 18.38
CA GLY B 72 -21.92 31.83 19.42
C GLY B 72 -22.20 30.43 19.90
N TYR B 73 -21.84 29.41 19.11
CA TYR B 73 -22.12 28.05 19.53
C TYR B 73 -21.23 27.59 20.68
N GLY B 74 -20.11 28.27 20.92
CA GLY B 74 -19.25 27.86 22.02
C GLY B 74 -18.43 26.61 21.78
N PHE B 75 -18.02 26.35 20.54
CA PHE B 75 -17.06 25.28 20.31
C PHE B 75 -15.79 25.61 21.08
N ASP B 76 -15.24 24.59 21.74
CA ASP B 76 -14.00 24.78 22.49
C ASP B 76 -12.80 24.24 21.69
N ASP B 77 -11.62 24.34 22.30
CA ASP B 77 -10.39 23.93 21.56
C ASP B 77 -10.48 22.46 21.11
N ALA B 78 -10.98 21.60 21.99
CA ALA B 78 -11.03 20.20 21.59
C ALA B 78 -12.02 19.98 20.46
N ASP B 79 -13.14 20.74 20.43
CA ASP B 79 -14.06 20.67 19.30
C ASP B 79 -13.38 21.13 18.01
N ILE B 80 -12.61 22.22 18.07
CA ILE B 80 -11.89 22.70 16.90
C ILE B 80 -10.86 21.67 16.44
N ALA B 81 -10.12 21.06 17.38
CA ALA B 81 -9.22 19.97 17.04
C ALA B 81 -9.98 18.86 16.30
N LEU B 82 -11.23 18.60 16.69
CA LEU B 82 -11.88 17.46 16.09
C LEU B 82 -12.34 17.94 14.66
N MET B 83 -12.64 19.23 14.45
CA MET B 83 -12.89 19.73 13.09
C MET B 83 -11.69 19.51 12.20
N CYS B 84 -10.49 19.60 12.78
CA CYS B 84 -9.26 19.40 12.04
C CYS B 84 -8.84 17.93 11.92
N ALA B 85 -9.66 17.00 12.38
CA ALA B 85 -9.24 15.61 12.62
C ALA B 85 -9.54 14.66 11.47
N SER B 86 -8.68 13.63 11.33
CA SER B 86 -9.08 12.34 10.74
C SER B 86 -9.03 11.34 11.89
N HIS B 87 -10.06 11.37 12.71
CA HIS B 87 -9.98 10.66 13.99
C HIS B 87 -10.15 9.16 13.82
N SER B 88 -9.73 8.43 14.84
CA SER B 88 -9.80 6.96 14.86
C SER B 88 -11.19 6.41 15.21
N SER B 89 -12.21 7.26 15.35
CA SER B 89 -13.53 6.78 15.73
C SER B 89 -13.54 6.11 17.09
N GLU B 90 -12.67 6.57 17.99
CA GLU B 90 -12.73 6.08 19.37
C GLU B 90 -14.00 6.62 20.01
N ASP B 91 -14.38 5.99 21.13
CA ASP B 91 -15.61 6.42 21.80
C ASP B 91 -15.59 7.92 22.11
N ARG B 92 -14.42 8.44 22.50
CA ARG B 92 -14.37 9.88 22.82
C ARG B 92 -14.61 10.74 21.59
N HIS B 93 -14.22 10.27 20.40
CA HIS B 93 -14.47 11.06 19.20
C HIS B 93 -15.94 11.06 18.85
N ILE B 94 -16.60 9.90 18.97
CA ILE B 94 -18.03 9.82 18.74
CA ILE B 94 -18.02 9.82 18.73
C ILE B 94 -18.76 10.68 19.74
N ALA B 95 -18.36 10.60 21.01
CA ALA B 95 -19.03 11.37 22.05
C ALA B 95 -18.88 12.86 21.80
N ARG B 96 -17.70 13.31 21.36
CA ARG B 96 -17.52 14.74 21.12
C ARG B 96 -18.31 15.19 19.90
N THR B 97 -18.42 14.33 18.88
CA THR B 97 -19.27 14.64 17.73
C THR B 97 -20.69 14.87 18.16
N ARG B 98 -21.22 13.97 19.01
CA ARG B 98 -22.58 14.16 19.51
C ARG B 98 -22.73 15.42 20.35
N ALA B 99 -21.73 15.76 21.16
CA ALA B 99 -21.79 16.99 21.94
C ALA B 99 -21.78 18.22 21.02
N MET B 100 -21.03 18.15 19.92
CA MET B 100 -21.00 19.27 18.97
C MET B 100 -22.35 19.42 18.26
N LEU B 101 -22.91 18.30 17.77
CA LEU B 101 -24.31 18.27 17.33
C LEU B 101 -25.24 18.95 18.30
N SER B 102 -25.12 18.62 19.58
CA SER B 102 -26.03 19.20 20.55
CA SER B 102 -26.01 19.19 20.57
C SER B 102 -25.83 20.71 20.65
N LYS B 103 -24.59 21.18 20.54
CA LYS B 103 -24.35 22.61 20.64
C LYS B 103 -25.03 23.38 19.53
N ILE B 104 -25.22 22.76 18.36
CA ILE B 104 -25.88 23.43 17.25
C ILE B 104 -27.33 23.01 17.09
N LYS B 105 -27.84 22.18 18.00
CA LYS B 105 -29.21 21.67 17.92
C LYS B 105 -29.45 20.97 16.58
N ALA B 106 -28.51 20.08 16.21
CA ALA B 106 -28.65 19.22 15.06
C ALA B 106 -28.62 17.76 15.51
N GLU B 107 -28.98 16.91 14.58
CA GLU B 107 -29.00 15.44 14.87
CA GLU B 107 -28.96 15.45 14.86
C GLU B 107 -28.03 14.65 13.87
N GLU B 108 -27.78 13.42 14.30
CA GLU B 108 -26.92 12.60 13.45
C GLU B 108 -27.49 12.47 12.04
N ALA B 109 -28.82 12.47 11.91
CA ALA B 109 -29.44 12.34 10.60
C ALA B 109 -29.13 13.53 9.68
N ASP B 110 -28.64 14.64 10.23
CA ASP B 110 -28.28 15.82 9.43
C ASP B 110 -26.90 15.69 8.78
N LEU B 111 -26.07 14.77 9.25
CA LEU B 111 -24.76 14.53 8.65
C LEU B 111 -24.88 13.93 7.25
N ARG B 112 -23.99 14.36 6.38
CA ARG B 112 -23.93 13.87 5.01
C ARG B 112 -22.64 13.10 4.74
N CYS B 113 -21.91 12.73 5.78
CA CYS B 113 -20.81 11.78 5.71
C CYS B 113 -21.32 10.41 6.12
N GLY B 114 -20.57 9.37 5.73
CA GLY B 114 -20.98 8.01 6.03
C GLY B 114 -19.97 7.26 6.86
N GLY B 115 -20.41 6.17 7.49
CA GLY B 115 -19.49 5.34 8.27
C GLY B 115 -18.51 4.56 7.42
N HIS B 116 -17.43 4.11 8.06
CA HIS B 116 -16.37 3.36 7.40
C HIS B 116 -15.59 2.60 8.47
N PRO B 117 -14.85 1.56 8.09
CA PRO B 117 -13.98 0.89 9.06
C PRO B 117 -13.01 1.88 9.68
N SER B 118 -12.77 1.71 10.98
CA SER B 118 -11.96 2.67 11.70
C SER B 118 -10.55 2.77 11.13
N LEU B 119 -9.98 3.98 11.20
CA LEU B 119 -8.57 4.20 10.86
C LEU B 119 -7.61 3.57 11.87
N SER B 120 -8.10 3.11 13.01
CA SER B 120 -7.29 2.44 14.02
C SER B 120 -7.60 0.95 14.00
N GLU B 121 -6.57 0.12 13.92
CA GLU B 121 -6.77 -1.35 13.93
C GLU B 121 -7.42 -1.78 15.24
N MET B 122 -7.05 -1.16 16.36
CA MET B 122 -7.60 -1.58 17.64
C MET B 122 -9.08 -1.24 17.77
N VAL B 123 -9.48 -0.05 17.31
CA VAL B 123 -10.90 0.27 17.31
C VAL B 123 -11.64 -0.68 16.40
N ASN B 124 -11.10 -0.95 15.22
CA ASN B 124 -11.80 -1.81 14.31
C ASN B 124 -11.95 -3.22 14.86
N ARG B 125 -10.94 -3.70 15.61
CA ARG B 125 -11.10 -5.01 16.25
C ARG B 125 -12.27 -5.02 17.22
N SER B 126 -12.46 -3.95 17.99
CA SER B 126 -13.61 -3.91 18.89
CA SER B 126 -13.61 -3.91 18.89
C SER B 126 -14.92 -3.93 18.12
N TRP B 127 -14.99 -3.18 17.01
CA TRP B 127 -16.20 -3.17 16.20
C TRP B 127 -16.48 -4.55 15.60
N ILE B 128 -15.45 -5.21 15.07
CA ILE B 128 -15.61 -6.54 14.48
C ILE B 128 -16.17 -7.51 15.51
N LYS B 129 -15.66 -7.45 16.72
CA LYS B 129 -16.11 -8.38 17.74
C LYS B 129 -17.60 -8.26 18.00
N GLN B 130 -18.17 -7.06 17.80
CA GLN B 130 -19.59 -6.85 18.05
C GLN B 130 -20.43 -6.81 16.78
N ASP B 131 -19.84 -7.06 15.61
CA ASP B 131 -20.55 -6.92 14.34
C ASP B 131 -21.15 -5.52 14.22
N PHE B 132 -20.43 -4.53 14.76
CA PHE B 132 -20.91 -3.14 14.74
C PHE B 132 -20.76 -2.57 13.35
N ILE B 133 -21.80 -1.89 12.88
CA ILE B 133 -21.78 -1.23 11.58
C ILE B 133 -21.62 0.26 11.85
N PRO B 134 -20.49 0.87 11.53
CA PRO B 134 -20.35 2.32 11.79
C PRO B 134 -21.36 3.10 11.00
N THR B 135 -21.79 4.23 11.58
CA THR B 135 -22.74 5.14 10.96
C THR B 135 -22.08 6.52 10.81
N ALA B 136 -22.87 7.50 10.35
CA ALA B 136 -22.35 8.82 10.00
C ALA B 136 -21.57 9.45 11.15
N VAL B 137 -22.07 9.29 12.38
CA VAL B 137 -21.43 9.93 13.52
C VAL B 137 -20.04 9.37 13.79
N CYS B 138 -19.73 8.19 13.24
CA CYS B 138 -18.43 7.53 13.39
C CYS B 138 -17.42 7.98 12.36
N SER B 139 -17.83 8.73 11.33
CA SER B 139 -16.93 9.15 10.28
C SER B 139 -15.71 9.84 10.86
N ASN B 140 -14.53 9.53 10.30
CA ASN B 140 -13.30 10.19 10.75
C ASN B 140 -13.36 11.70 10.51
N CYS B 141 -14.27 12.18 9.64
CA CYS B 141 -14.43 13.59 9.33
C CYS B 141 -15.65 14.19 10.02
N SER B 142 -16.21 13.46 11.01
CA SER B 142 -17.46 13.92 11.61
C SER B 142 -17.35 15.32 12.20
N GLY B 143 -16.19 15.68 12.78
CA GLY B 143 -16.07 17.03 13.33
C GLY B 143 -16.14 18.12 12.27
N LYS B 144 -15.48 17.92 11.14
CA LYS B 144 -15.59 18.88 10.04
C LYS B 144 -17.02 18.99 9.57
N HIS B 145 -17.72 17.86 9.43
CA HIS B 145 -19.10 17.93 8.99
C HIS B 145 -19.98 18.70 9.98
N VAL B 146 -19.80 18.47 11.30
CA VAL B 146 -20.60 19.25 12.26
C VAL B 146 -20.28 20.73 12.11
N GLY B 147 -19.01 21.08 11.88
CA GLY B 147 -18.63 22.47 11.72
C GLY B 147 -19.28 23.10 10.50
N MET B 148 -19.36 22.33 9.39
CA MET B 148 -20.01 22.85 8.20
CA MET B 148 -20.02 22.80 8.18
C MET B 148 -21.51 22.99 8.39
N LEU B 149 -22.16 22.03 9.07
CA LEU B 149 -23.54 22.26 9.52
C LEU B 149 -23.69 23.52 10.33
N ALA B 150 -22.80 23.74 11.29
CA ALA B 150 -22.86 24.92 12.13
C ALA B 150 -22.78 26.18 11.30
N GLY B 151 -21.89 26.21 10.31
CA GLY B 151 -21.77 27.39 9.47
C GLY B 151 -23.00 27.61 8.63
N ALA B 152 -23.54 26.53 8.05
CA ALA B 152 -24.75 26.65 7.24
C ALA B 152 -25.89 27.21 8.08
N ARG B 153 -26.05 26.72 9.31
CA ARG B 153 -27.13 27.22 10.17
C ARG B 153 -26.91 28.68 10.52
N ALA B 154 -25.67 29.05 10.83
CA ALA B 154 -25.39 30.39 11.34
C ALA B 154 -25.69 31.47 10.33
N ILE B 155 -25.51 31.19 9.04
CA ILE B 155 -25.78 32.21 8.02
C ILE B 155 -27.18 32.12 7.46
N GLY B 156 -27.97 31.13 7.87
CA GLY B 156 -29.35 31.04 7.43
C GLY B 156 -29.52 30.33 6.12
N ALA B 157 -28.49 29.61 5.69
CA ALA B 157 -28.55 28.73 4.55
C ALA B 157 -29.27 27.46 4.97
N GLY B 158 -29.77 26.71 4.01
CA GLY B 158 -30.23 25.38 4.36
C GLY B 158 -29.11 24.56 4.98
N THR B 159 -29.49 23.64 5.89
CA THR B 159 -28.56 22.56 6.23
C THR B 159 -28.63 21.47 5.19
N ASP B 160 -29.73 21.40 4.46
CA ASP B 160 -29.75 20.49 3.35
C ASP B 160 -28.76 20.96 2.29
N GLY B 161 -27.92 20.01 1.89
CA GLY B 161 -26.96 20.24 0.85
C GLY B 161 -25.77 21.04 1.29
N TYR B 162 -25.50 21.11 2.61
CA TYR B 162 -24.33 21.86 3.07
C TYR B 162 -23.04 21.34 2.48
N HIS B 163 -23.02 20.07 2.07
CA HIS B 163 -21.81 19.45 1.57
C HIS B 163 -21.64 19.61 0.05
N LEU B 164 -22.61 20.26 -0.65
CA LEU B 164 -22.54 20.33 -2.11
C LEU B 164 -21.82 21.60 -2.57
N PRO B 165 -21.14 21.53 -3.72
CA PRO B 165 -20.35 22.70 -4.19
C PRO B 165 -21.12 24.00 -4.34
N ASP B 166 -22.41 23.94 -4.68
CA ASP B 166 -23.15 25.19 -4.84
C ASP B 166 -23.57 25.80 -3.51
N HIS B 167 -23.34 25.10 -2.38
CA HIS B 167 -23.79 25.65 -1.12
C HIS B 167 -22.83 26.76 -0.66
N PRO B 168 -23.32 27.83 -0.05
CA PRO B 168 -22.38 28.91 0.36
C PRO B 168 -21.28 28.44 1.29
N MET B 169 -21.53 27.43 2.13
CA MET B 169 -20.44 26.93 2.96
CA MET B 169 -20.45 26.91 2.96
C MET B 169 -19.31 26.37 2.11
N GLN B 170 -19.63 25.67 1.02
CA GLN B 170 -18.57 25.18 0.16
C GLN B 170 -17.94 26.28 -0.66
N GLY B 171 -18.72 27.30 -1.07
CA GLY B 171 -18.12 28.48 -1.68
C GLY B 171 -17.11 29.13 -0.77
N ARG B 172 -17.44 29.25 0.52
CA ARG B 172 -16.49 29.80 1.49
C ARG B 172 -15.24 28.94 1.60
N VAL B 173 -15.41 27.61 1.69
CA VAL B 173 -14.25 26.74 1.74
C VAL B 173 -13.36 26.96 0.52
N LYS B 174 -13.96 26.96 -0.68
CA LYS B 174 -13.14 27.04 -1.88
CA LYS B 174 -13.16 27.06 -1.90
C LYS B 174 -12.35 28.35 -1.91
N ARG B 175 -12.99 29.46 -1.56
CA ARG B 175 -12.28 30.73 -1.54
CA ARG B 175 -12.28 30.74 -1.52
C ARG B 175 -11.18 30.73 -0.48
N THR B 176 -11.47 30.19 0.71
CA THR B 176 -10.49 30.21 1.80
C THR B 176 -9.26 29.37 1.44
N VAL B 177 -9.47 28.20 0.83
CA VAL B 177 -8.32 27.37 0.45
C VAL B 177 -7.44 28.12 -0.55
N ALA B 178 -8.05 28.70 -1.57
CA ALA B 178 -7.24 29.41 -2.57
C ALA B 178 -6.51 30.60 -1.94
N GLU B 179 -7.17 31.32 -1.05
CA GLU B 179 -6.52 32.46 -0.41
C GLU B 179 -5.34 32.02 0.44
N LEU B 180 -5.50 30.97 1.27
CA LEU B 180 -4.35 30.47 2.03
C LEU B 180 -3.20 30.02 1.16
N CYS B 181 -3.50 29.42 0.01
CA CYS B 181 -2.43 29.01 -0.89
C CYS B 181 -1.86 30.16 -1.70
N ASP B 182 -2.46 31.35 -1.65
CA ASP B 182 -2.11 32.46 -2.54
C ASP B 182 -2.19 32.06 -4.01
N LEU B 183 -3.28 31.38 -4.38
CA LEU B 183 -3.58 30.98 -5.74
C LEU B 183 -4.88 31.58 -6.24
N ASP B 184 -4.94 31.76 -7.55
CA ASP B 184 -6.22 32.04 -8.18
C ASP B 184 -7.08 30.79 -8.11
N ALA B 185 -8.40 31.00 -8.13
CA ALA B 185 -9.32 29.88 -8.02
C ALA B 185 -9.05 28.84 -9.09
N GLY B 186 -8.72 29.26 -10.32
CA GLY B 186 -8.51 28.29 -11.39
C GLY B 186 -7.29 27.41 -11.21
N ASP B 187 -6.40 27.77 -10.29
CA ASP B 187 -5.22 26.97 -10.02
C ASP B 187 -5.42 25.96 -8.90
N VAL B 188 -6.64 25.88 -8.36
CA VAL B 188 -7.03 24.84 -7.41
C VAL B 188 -8.08 23.98 -8.10
N GLU B 189 -7.84 22.66 -8.12
CA GLU B 189 -8.80 21.73 -8.69
CA GLU B 189 -8.78 21.70 -8.69
C GLU B 189 -9.54 21.02 -7.57
N TRP B 190 -10.74 20.50 -7.90
CA TRP B 190 -11.60 19.94 -6.86
C TRP B 190 -12.15 18.59 -7.26
N GLY B 191 -12.05 17.63 -6.33
CA GLY B 191 -12.76 16.37 -6.46
C GLY B 191 -13.65 16.14 -5.27
N THR B 192 -14.04 14.91 -4.99
CA THR B 192 -14.90 14.57 -3.87
C THR B 192 -14.17 13.56 -3.00
N ASP B 193 -14.19 13.78 -1.68
CA ASP B 193 -13.51 12.99 -0.68
CA ASP B 193 -13.44 12.88 -0.82
C ASP B 193 -14.33 11.75 -0.29
N GLY B 194 -13.72 10.88 0.51
CA GLY B 194 -14.45 9.73 1.03
C GLY B 194 -15.62 10.11 1.91
N CYS B 195 -15.55 11.27 2.56
CA CYS B 195 -16.62 11.73 3.42
C CYS B 195 -17.68 12.52 2.67
N ASN B 196 -17.54 12.64 1.35
CA ASN B 196 -18.56 13.23 0.49
C ASN B 196 -18.58 14.76 0.46
N LEU B 197 -17.50 15.40 0.81
CA LEU B 197 -17.21 16.83 0.61
C LEU B 197 -16.29 17.10 -0.54
N PRO B 198 -16.39 18.32 -1.11
CA PRO B 198 -15.36 18.74 -2.07
C PRO B 198 -14.00 18.72 -1.42
N THR B 199 -12.99 18.35 -2.20
CA THR B 199 -11.64 18.22 -1.67
C THR B 199 -10.66 18.80 -2.69
N PRO B 200 -9.69 19.62 -2.24
CA PRO B 200 -8.88 20.41 -3.19
C PRO B 200 -7.57 19.74 -3.58
N ALA B 201 -7.11 20.08 -4.79
CA ALA B 201 -5.76 19.70 -5.24
C ALA B 201 -5.04 20.96 -5.68
N PHE B 202 -3.77 21.09 -5.29
CA PHE B 202 -2.98 22.27 -5.60
C PHE B 202 -1.52 21.88 -5.51
N PRO B 203 -0.60 22.71 -5.97
CA PRO B 203 0.81 22.33 -5.92
C PRO B 203 1.24 22.03 -4.49
N LEU B 204 2.11 21.01 -4.36
CA LEU B 204 2.41 20.47 -3.04
C LEU B 204 3.02 21.55 -2.14
N ASP B 205 3.83 22.45 -2.70
CA ASP B 205 4.46 23.47 -1.88
C ASP B 205 3.44 24.38 -1.23
N ARG B 206 2.26 24.54 -1.87
CA ARG B 206 1.25 25.41 -1.27
C ARG B 206 0.60 24.74 -0.06
N LEU B 207 0.63 23.40 0.04
CA LEU B 207 0.19 22.76 1.27
C LEU B 207 1.16 23.12 2.40
N GLY B 208 2.46 23.07 2.11
CA GLY B 208 3.44 23.55 3.07
C GLY B 208 3.18 25.00 3.46
N ARG B 209 2.80 25.84 2.48
CA ARG B 209 2.55 27.25 2.75
C ARG B 209 1.40 27.44 3.74
N ILE B 210 0.30 26.66 3.59
CA ILE B 210 -0.80 26.74 4.55
C ILE B 210 -0.31 26.48 5.96
N TYR B 211 0.53 25.44 6.12
CA TYR B 211 0.96 25.08 7.46
C TYR B 211 2.01 26.04 8.00
N ALA B 212 2.85 26.62 7.14
CA ALA B 212 3.75 27.67 7.59
C ALA B 212 2.93 28.85 8.10
N LYS B 213 1.80 29.17 7.44
CA LYS B 213 0.94 30.27 7.90
C LYS B 213 0.28 29.95 9.25
N LEU B 214 -0.19 28.71 9.47
CA LEU B 214 -0.60 28.27 10.81
C LEU B 214 0.43 28.54 11.86
N ALA B 215 1.65 28.09 11.63
CA ALA B 215 2.65 28.20 12.66
C ALA B 215 3.04 29.66 12.85
N SER B 216 3.10 30.42 11.76
CA SER B 216 3.45 31.84 11.85
C SER B 216 2.42 32.60 12.66
N ALA B 217 1.13 32.29 12.46
CA ALA B 217 0.09 32.91 13.25
C ALA B 217 0.20 32.55 14.71
N ALA B 218 0.55 31.30 15.03
CA ALA B 218 0.75 30.92 16.42
C ALA B 218 1.90 31.71 17.04
N ASP B 219 2.98 31.91 16.30
CA ASP B 219 4.10 32.72 16.78
C ASP B 219 3.66 34.14 17.06
N GLY B 220 2.85 34.72 16.17
CA GLY B 220 2.42 36.10 16.37
C GLY B 220 1.50 36.26 17.58
N SER B 221 0.61 35.28 17.78
CA SER B 221 -0.31 35.33 18.91
C SER B 221 0.46 35.22 20.23
N ASP B 222 1.38 34.25 20.29
CA ASP B 222 2.17 34.03 21.50
C ASP B 222 3.04 35.24 21.82
N ALA B 223 3.50 35.96 20.80
CA ALA B 223 4.29 37.16 21.01
C ALA B 223 3.44 38.39 21.32
N GLY B 224 2.12 38.26 21.32
CA GLY B 224 1.27 39.40 21.63
C GLY B 224 1.15 40.44 20.54
N GLU B 225 1.47 40.07 19.28
CA GLU B 225 1.31 41.01 18.16
C GLU B 225 -0.16 41.22 17.82
N GLY B 226 -0.48 42.43 17.38
CA GLY B 226 -1.81 42.67 16.84
C GLY B 226 -2.01 41.80 15.61
N GLN B 227 -3.16 41.14 15.51
CA GLN B 227 -3.42 40.23 14.40
C GLN B 227 -4.74 40.55 13.72
N SER B 228 -4.80 40.29 12.41
CA SER B 228 -6.06 40.29 11.72
C SER B 228 -6.96 39.18 12.28
N THR B 229 -8.25 39.28 11.99
CA THR B 229 -9.17 38.21 12.41
C THR B 229 -8.75 36.86 11.84
N ARG B 230 -8.22 36.83 10.60
CA ARG B 230 -7.80 35.55 10.01
C ARG B 230 -6.59 35.00 10.75
N CYS B 231 -5.61 35.85 11.03
CA CYS B 231 -4.42 35.37 11.71
C CYS B 231 -4.76 34.88 13.11
N ALA B 232 -5.67 35.59 13.80
CA ALA B 232 -6.09 35.14 15.13
C ALA B 232 -6.75 33.77 15.06
N ALA B 233 -7.56 33.55 14.01
CA ALA B 233 -8.23 32.26 13.84
C ALA B 233 -7.22 31.16 13.49
N LEU B 234 -6.27 31.43 12.60
CA LEU B 234 -5.16 30.49 12.37
C LEU B 234 -4.41 30.13 13.64
N ALA B 235 -4.13 31.11 14.48
CA ALA B 235 -3.42 30.81 15.70
C ALA B 235 -4.25 29.92 16.60
N HIS B 236 -5.56 30.16 16.64
CA HIS B 236 -6.45 29.33 17.45
C HIS B 236 -6.47 27.88 16.95
N ILE B 237 -6.50 27.69 15.62
CA ILE B 237 -6.47 26.34 15.05
C ILE B 237 -5.17 25.64 15.41
N PHE B 238 -4.03 26.32 15.28
CA PHE B 238 -2.76 25.72 15.65
C PHE B 238 -2.81 25.29 17.11
N ARG B 239 -3.21 26.21 17.99
CA ARG B 239 -3.24 25.90 19.42
CA ARG B 239 -3.26 25.92 19.42
C ARG B 239 -4.16 24.73 19.72
N ALA B 240 -5.34 24.69 19.08
CA ALA B 240 -6.28 23.60 19.34
C ALA B 240 -5.68 22.25 18.95
N MET B 241 -5.05 22.17 17.78
CA MET B 241 -4.45 20.91 17.34
C MET B 241 -3.34 20.48 18.27
N ALA B 242 -2.47 21.42 18.65
CA ALA B 242 -1.34 21.08 19.50
C ALA B 242 -1.77 20.72 20.92
N ARG B 243 -2.86 21.31 21.41
CA ARG B 243 -3.32 21.01 22.77
C ARG B 243 -4.16 19.75 22.85
N HIS B 244 -4.81 19.36 21.76
CA HIS B 244 -5.68 18.18 21.75
C HIS B 244 -5.31 17.28 20.58
N PRO B 245 -4.05 16.83 20.52
CA PRO B 245 -3.64 16.02 19.36
C PRO B 245 -4.32 14.68 19.32
N GLU B 246 -4.84 14.16 20.44
CA GLU B 246 -5.61 12.92 20.40
C GLU B 246 -6.94 13.11 19.68
N MET B 247 -7.49 14.34 19.67
CA MET B 247 -8.70 14.57 18.86
C MET B 247 -8.40 14.53 17.37
N VAL B 248 -7.18 14.95 16.98
CA VAL B 248 -6.82 15.06 15.58
C VAL B 248 -6.66 13.68 14.96
N ALA B 249 -6.32 12.68 15.78
CA ALA B 249 -6.14 11.33 15.26
C ALA B 249 -6.59 10.31 16.31
N GLY B 250 -5.70 9.93 17.24
CA GLY B 250 -6.09 9.04 18.31
C GLY B 250 -4.90 8.27 18.83
N GLU B 251 -5.18 7.34 19.73
CA GLU B 251 -4.10 6.63 20.39
C GLU B 251 -3.31 5.84 19.36
N GLY B 252 -1.99 5.90 19.46
CA GLY B 252 -1.15 5.13 18.56
C GLY B 252 -1.02 5.69 17.16
N ARG B 253 -1.72 6.78 16.83
CA ARG B 253 -1.68 7.34 15.49
C ARG B 253 -0.49 8.28 15.36
N TYR B 254 0.10 8.30 14.17
CA TYR B 254 1.28 9.12 13.95
C TYR B 254 1.04 10.60 14.31
N CYS B 255 -0.06 11.20 13.84
CA CYS B 255 -0.24 12.63 14.07
C CYS B 255 -0.27 12.93 15.56
N THR B 256 -0.95 12.08 16.33
CA THR B 256 -1.04 12.28 17.77
C THR B 256 0.30 12.10 18.43
N MET B 257 1.03 11.03 18.08
CA MET B 257 2.33 10.79 18.70
C MET B 257 3.33 11.87 18.32
N LEU B 258 3.32 12.30 17.06
CA LEU B 258 4.16 13.40 16.61
C LEU B 258 3.90 14.66 17.43
N MET B 259 2.64 15.09 17.48
CA MET B 259 2.35 16.36 18.15
C MET B 259 2.59 16.28 19.64
N ARG B 260 2.29 15.14 20.27
CA ARG B 260 2.62 15.01 21.68
C ARG B 260 4.12 15.11 21.92
N ALA B 261 4.91 14.45 21.08
CA ALA B 261 6.37 14.46 21.27
C ALA B 261 6.92 15.88 21.19
N PHE B 262 6.35 16.69 20.30
CA PHE B 262 6.87 18.02 20.06
C PHE B 262 6.29 19.07 20.99
N ASP B 263 5.24 18.75 21.74
CA ASP B 263 4.80 19.54 22.89
C ASP B 263 4.59 21.02 22.54
N GLY B 264 3.93 21.28 21.41
CA GLY B 264 3.61 22.63 21.00
C GLY B 264 4.51 23.22 19.93
N ALA B 265 5.63 22.59 19.63
CA ALA B 265 6.56 23.17 18.67
C ALA B 265 6.06 23.08 17.24
N LEU B 266 5.13 22.16 16.95
CA LEU B 266 4.65 21.99 15.58
C LEU B 266 3.29 21.33 15.62
N VAL B 267 2.58 21.43 14.49
CA VAL B 267 1.39 20.63 14.25
C VAL B 267 1.63 19.82 12.98
N GLY B 268 0.97 18.67 12.87
CA GLY B 268 1.10 17.86 11.68
C GLY B 268 -0.21 17.16 11.39
N LYS B 269 -0.42 16.81 10.12
CA LYS B 269 -1.69 16.24 9.72
C LYS B 269 -1.50 15.33 8.51
N LEU B 270 -2.13 14.17 8.56
CA LEU B 270 -2.17 13.19 7.48
C LEU B 270 -3.22 13.53 6.43
N GLY B 271 -2.88 13.32 5.15
CA GLY B 271 -3.87 13.20 4.09
C GLY B 271 -3.84 11.77 3.52
N ALA B 272 -5.02 11.25 3.18
CA ALA B 272 -5.10 9.90 2.64
C ALA B 272 -4.30 9.82 1.36
N ASP B 273 -3.90 8.59 1.02
CA ASP B 273 -3.03 8.35 -0.12
C ASP B 273 -1.68 9.04 0.02
N ALA B 274 -1.28 9.17 1.29
CA ALA B 274 0.12 9.40 1.66
C ALA B 274 0.59 10.82 1.34
N SER B 275 -0.18 11.81 1.81
CA SER B 275 0.35 13.16 1.96
CA SER B 275 0.35 13.16 1.96
C SER B 275 0.47 13.52 3.43
N TYR B 276 1.37 14.45 3.74
CA TYR B 276 1.53 14.89 5.11
C TYR B 276 1.91 16.36 5.12
N ALA B 277 1.48 17.08 6.15
CA ALA B 277 1.83 18.49 6.25
C ALA B 277 2.18 18.82 7.69
N ILE B 278 3.22 19.65 7.89
CA ILE B 278 3.67 20.08 9.22
C ILE B 278 3.90 21.57 9.20
N GLY B 279 3.43 22.25 10.26
CA GLY B 279 3.76 23.65 10.46
C GLY B 279 4.62 23.77 11.70
N VAL B 280 5.79 24.40 11.55
CA VAL B 280 6.81 24.45 12.59
C VAL B 280 6.96 25.90 13.06
N ARG B 281 6.75 26.14 14.36
CA ARG B 281 6.96 27.49 14.92
C ARG B 281 8.44 27.84 14.87
N ALA B 282 8.73 29.14 14.79
CA ALA B 282 10.11 29.60 14.71
C ALA B 282 10.93 29.06 15.88
N SER B 283 12.13 28.59 15.58
CA SER B 283 12.94 27.94 16.61
C SER B 283 14.41 28.03 16.21
N ASP B 284 15.29 27.55 17.09
CA ASP B 284 16.68 27.41 16.70
CA ASP B 284 16.68 27.43 16.69
C ASP B 284 16.81 26.60 15.42
N ALA B 285 16.04 25.51 15.32
CA ALA B 285 16.14 24.66 14.14
C ALA B 285 15.71 25.40 12.87
N THR B 286 14.60 26.17 12.91
CA THR B 286 14.18 26.90 11.72
C THR B 286 15.20 27.96 11.33
N ARG B 287 15.79 28.64 12.32
CA ARG B 287 16.83 29.63 12.01
C ARG B 287 18.04 28.97 11.34
N GLN B 288 18.44 27.77 11.80
CA GLN B 288 19.60 27.12 11.18
C GLN B 288 19.32 26.76 9.73
N LEU B 289 18.05 26.49 9.40
CA LEU B 289 17.63 26.22 8.03
C LEU B 289 17.60 27.46 7.14
N GLY B 290 17.75 28.66 7.73
CA GLY B 290 17.90 29.86 6.94
C GLY B 290 16.68 30.73 6.85
N THR B 291 15.73 30.63 7.77
CA THR B 291 14.59 31.54 7.75
C THR B 291 14.41 32.18 9.12
N ASP B 292 13.86 33.40 9.14
CA ASP B 292 13.64 34.12 10.38
C ASP B 292 12.24 33.94 10.97
N GLY B 293 11.36 33.17 10.34
CA GLY B 293 10.03 32.93 10.85
C GLY B 293 9.71 31.44 10.90
N ALA B 294 8.43 31.15 10.76
CA ALA B 294 7.94 29.78 10.84
C ALA B 294 8.23 29.03 9.54
N LEU B 295 7.98 27.73 9.58
CA LEU B 295 8.31 26.90 8.41
C LEU B 295 7.15 25.95 8.14
N GLY B 296 7.01 25.56 6.89
CA GLY B 296 6.01 24.55 6.54
C GLY B 296 6.65 23.40 5.78
N ILE B 297 6.16 22.20 6.01
CA ILE B 297 6.70 21.03 5.32
C ILE B 297 5.53 20.28 4.71
N SER B 298 5.68 19.85 3.45
CA SER B 298 4.66 18.99 2.86
C SER B 298 5.32 17.85 2.11
N VAL B 299 4.71 16.66 2.15
CA VAL B 299 5.32 15.45 1.60
C VAL B 299 4.21 14.67 0.91
N LYS B 300 4.54 14.04 -0.23
CA LYS B 300 3.65 13.08 -0.87
C LYS B 300 4.48 11.88 -1.31
N ILE B 301 4.00 10.68 -1.01
CA ILE B 301 4.58 9.45 -1.58
C ILE B 301 3.79 9.14 -2.85
N GLU B 302 4.49 9.06 -3.99
CA GLU B 302 3.82 9.05 -5.28
C GLU B 302 2.79 7.90 -5.40
N ASP B 303 3.10 6.75 -4.86
CA ASP B 303 2.24 5.58 -5.00
C ASP B 303 1.26 5.42 -3.83
N GLY B 304 1.28 6.32 -2.84
CA GLY B 304 0.24 6.31 -1.81
C GLY B 304 0.48 5.46 -0.58
N ASN B 305 1.70 4.92 -0.39
CA ASN B 305 1.92 4.00 0.72
C ASN B 305 2.11 4.77 2.05
N LEU B 306 1.22 4.49 3.02
CA LEU B 306 1.23 5.23 4.29
CA LEU B 306 1.21 5.19 4.29
C LEU B 306 2.41 4.86 5.17
N GLU B 307 2.77 3.58 5.24
CA GLU B 307 3.90 3.17 6.09
C GLU B 307 5.17 3.90 5.64
N MET B 308 5.35 4.00 4.34
CA MET B 308 6.49 4.74 3.82
C MET B 308 6.40 6.23 4.09
N LEU B 309 5.21 6.81 3.99
CA LEU B 309 5.05 8.22 4.33
C LEU B 309 5.57 8.50 5.73
N TYR B 310 5.13 7.72 6.73
CA TYR B 310 5.52 8.07 8.10
C TYR B 310 7.02 7.88 8.30
N ALA B 311 7.62 6.88 7.64
CA ALA B 311 9.07 6.70 7.71
C ALA B 311 9.78 7.91 7.11
N VAL B 312 9.33 8.36 5.93
CA VAL B 312 9.95 9.49 5.26
C VAL B 312 9.79 10.78 6.06
N VAL B 313 8.58 11.02 6.60
CA VAL B 313 8.38 12.27 7.34
C VAL B 313 9.31 12.32 8.53
N THR B 314 9.48 11.18 9.21
CA THR B 314 10.34 11.14 10.40
C THR B 314 11.81 11.32 10.00
N GLU B 315 12.22 10.71 8.88
CA GLU B 315 13.57 10.92 8.37
C GLU B 315 13.80 12.37 7.98
N LEU B 316 12.81 13.01 7.35
CA LEU B 316 12.98 14.39 6.94
CA LEU B 316 12.97 14.42 6.98
C LEU B 316 13.13 15.32 8.17
N LEU B 317 12.35 15.09 9.22
CA LEU B 317 12.55 15.86 10.45
C LEU B 317 13.96 15.70 11.00
N GLU B 318 14.49 14.49 10.97
CA GLU B 318 15.88 14.31 11.42
C GLU B 318 16.84 15.09 10.51
N ARG B 319 16.64 15.01 9.19
CA ARG B 319 17.56 15.71 8.30
C ARG B 319 17.49 17.22 8.47
N LEU B 320 16.31 17.76 8.74
CA LEU B 320 16.11 19.18 8.99
C LEU B 320 16.51 19.60 10.39
N GLY B 321 16.93 18.68 11.25
CA GLY B 321 17.32 19.05 12.60
C GLY B 321 16.18 19.51 13.48
N ILE B 322 14.95 19.07 13.19
CA ILE B 322 13.78 19.51 13.94
C ILE B 322 13.48 18.50 15.03
N GLY B 323 13.51 18.98 16.28
CA GLY B 323 13.38 18.13 17.43
C GLY B 323 14.73 17.72 17.94
N SER B 324 14.71 16.94 19.00
CA SER B 324 15.93 16.34 19.48
C SER B 324 15.88 14.86 19.17
N PRO B 325 17.01 14.14 19.26
CA PRO B 325 16.90 12.68 19.15
C PRO B 325 15.88 12.10 20.12
N ASP B 326 15.84 12.61 21.36
CA ASP B 326 14.91 12.09 22.35
CA ASP B 326 14.89 12.07 22.33
C ASP B 326 13.46 12.37 21.94
N VAL B 327 13.20 13.53 21.35
CA VAL B 327 11.83 13.82 20.92
C VAL B 327 11.46 12.94 19.75
N ARG B 328 12.32 12.88 18.74
CA ARG B 328 12.01 12.05 17.58
C ARG B 328 12.02 10.56 17.92
N SER B 329 12.70 10.14 18.99
CA SER B 329 12.73 8.72 19.33
C SER B 329 11.34 8.15 19.70
N GLN B 330 10.38 8.98 20.12
CA GLN B 330 9.03 8.49 20.32
C GLN B 330 8.40 8.00 19.02
N LEU B 331 9.02 8.31 17.88
CA LEU B 331 8.52 7.94 16.57
C LEU B 331 9.38 6.85 15.95
N ALA B 332 10.23 6.18 16.73
CA ALA B 332 11.19 5.22 16.15
C ALA B 332 10.50 4.09 15.41
N SER B 333 9.34 3.64 15.91
CA SER B 333 8.61 2.55 15.26
C SER B 333 8.11 2.93 13.88
N PHE B 334 7.88 4.21 13.65
CA PHE B 334 7.52 4.68 12.32
C PHE B 334 8.73 4.96 11.45
N HIS B 335 9.81 5.46 12.04
CA HIS B 335 10.98 5.85 11.26
C HIS B 335 11.59 4.66 10.56
N HIS B 336 11.74 3.54 11.28
CA HIS B 336 12.35 2.32 10.73
C HIS B 336 11.38 1.18 10.97
N PRO B 337 10.41 1.01 10.08
CA PRO B 337 9.34 0.04 10.30
C PRO B 337 9.87 -1.37 10.48
N GLN B 338 9.23 -2.12 11.38
CA GLN B 338 9.66 -3.48 11.68
C GLN B 338 9.47 -4.37 10.47
N ARG B 339 10.43 -5.27 10.26
CA ARG B 339 10.33 -6.29 9.21
C ARG B 339 10.67 -7.62 9.84
N VAL B 340 9.80 -8.10 10.73
CA VAL B 340 10.00 -9.36 11.45
C VAL B 340 9.03 -10.40 10.90
N ASN B 341 9.55 -11.59 10.58
CA ASN B 341 8.72 -12.60 9.93
C ASN B 341 7.93 -13.38 10.96
N THR B 342 7.25 -14.43 10.51
CA THR B 342 6.32 -15.13 11.40
C THR B 342 7.04 -15.95 12.45
N MET B 343 8.37 -16.09 12.35
CA MET B 343 9.18 -16.83 13.31
C MET B 343 10.11 -15.92 14.09
N GLY B 344 9.88 -14.61 14.05
CA GLY B 344 10.65 -13.70 14.86
C GLY B 344 11.95 -13.23 14.26
N VAL B 345 12.18 -13.50 12.98
CA VAL B 345 13.45 -13.18 12.34
C VAL B 345 13.28 -11.91 11.52
N THR B 346 14.18 -10.94 11.73
CA THR B 346 14.17 -9.74 10.90
C THR B 346 14.66 -10.08 9.50
N THR B 347 13.89 -9.70 8.48
CA THR B 347 14.21 -10.11 7.11
C THR B 347 14.67 -8.95 6.23
N GLY B 348 14.66 -7.72 6.73
CA GLY B 348 15.04 -6.60 5.88
C GLY B 348 14.73 -5.30 6.60
N GLY B 349 14.63 -4.22 5.82
CA GLY B 349 14.43 -2.92 6.42
C GLY B 349 14.15 -1.86 5.37
N VAL B 350 14.17 -0.63 5.84
CA VAL B 350 13.85 0.55 5.04
CA VAL B 350 13.86 0.53 5.00
C VAL B 350 15.11 1.40 4.89
N SER B 351 15.28 2.01 3.74
CA SER B 351 16.38 2.96 3.55
CA SER B 351 16.40 2.92 3.48
C SER B 351 15.86 4.15 2.77
N PHE B 352 16.62 5.25 2.84
CA PHE B 352 16.18 6.56 2.36
C PHE B 352 17.15 7.14 1.36
N PRO B 353 17.28 6.52 0.18
CA PRO B 353 18.14 7.11 -0.87
C PRO B 353 17.43 8.25 -1.58
N PHE B 354 17.27 9.34 -0.84
CA PHE B 354 16.85 10.62 -1.38
C PHE B 354 17.81 11.68 -0.88
N LYS B 355 17.82 12.82 -1.54
CA LYS B 355 18.83 13.83 -1.24
C LYS B 355 18.14 15.18 -1.19
N LEU B 356 18.14 15.80 -0.03
CA LEU B 356 17.49 17.09 0.08
CA LEU B 356 17.54 17.15 0.08
C LEU B 356 18.29 18.10 -0.79
N ARG B 357 17.56 18.98 -1.47
CA ARG B 357 18.21 20.03 -2.24
C ARG B 357 17.71 21.39 -1.73
N GLY B 358 18.62 22.37 -1.75
CA GLY B 358 18.36 23.70 -1.20
C GLY B 358 19.45 24.21 -0.26
N SER B 359 20.29 23.32 0.28
CA SER B 359 21.34 23.77 1.21
C SER B 359 22.36 24.63 0.48
N VAL B 363 26.52 22.32 -2.06
CA VAL B 363 26.54 23.07 -3.35
C VAL B 363 27.11 22.18 -4.47
N ASP B 364 26.37 22.08 -5.57
CA ASP B 364 26.76 21.21 -6.69
C ASP B 364 27.24 22.03 -7.88
N ASP B 365 27.86 21.37 -8.84
CA ASP B 365 28.25 22.07 -10.06
C ASP B 365 27.01 22.77 -10.63
N PRO B 366 27.14 24.02 -11.09
CA PRO B 366 25.97 24.70 -11.69
C PRO B 366 25.41 23.98 -12.88
N ARG B 367 26.15 23.03 -13.46
CA ARG B 367 25.72 22.31 -14.65
C ARG B 367 24.91 21.08 -14.32
N LEU B 368 24.65 20.82 -13.04
CA LEU B 368 23.71 19.78 -12.64
C LEU B 368 22.30 20.35 -12.63
N ALA B 369 21.47 19.89 -13.56
CA ALA B 369 20.08 20.33 -13.59
C ALA B 369 19.25 19.57 -12.57
N ALA B 370 18.41 20.27 -11.82
CA ALA B 370 17.48 19.63 -10.89
C ALA B 370 16.10 19.72 -11.50
N VAL B 371 15.74 18.73 -12.31
CA VAL B 371 14.46 18.73 -13.01
C VAL B 371 13.44 18.16 -12.06
N ALA B 372 12.46 18.96 -11.67
CA ALA B 372 11.44 18.48 -10.76
C ALA B 372 10.68 17.32 -11.41
N ARG B 373 10.64 16.19 -10.72
CA ARG B 373 10.12 14.91 -11.26
C ARG B 373 9.75 14.06 -10.07
S SO4 C . 5.75 -15.02 2.57
O1 SO4 C . 6.59 -13.83 2.80
O2 SO4 C . 4.35 -14.66 2.86
O3 SO4 C . 5.81 -15.34 1.14
O4 SO4 C . 6.22 -16.16 3.38
C1 EDO D . 1.98 -13.53 5.23
O1 EDO D . 2.56 -13.07 4.00
C2 EDO D . 2.79 -13.01 6.42
O2 EDO D . 4.13 -13.47 6.34
C1 PEG E . -13.01 -9.14 2.05
C1 PEG E . -13.43 -8.91 1.26
O1 PEG E . -13.65 -8.01 2.60
O1 PEG E . -14.40 -9.33 2.21
C2 PEG E . -12.67 -8.99 0.60
C2 PEG E . -12.06 -9.01 1.83
O2 PEG E . -12.19 -10.23 0.10
O2 PEG E . -11.70 -10.37 1.92
C3 PEG E . -11.55 -10.98 1.13
C3 PEG E . -11.42 -10.93 0.65
C4 PEG E . -11.14 -12.33 0.63
C4 PEG E . -11.25 -12.41 0.77
O4 PEG E . -10.10 -12.25 -0.37
O4 PEG E . -10.77 -13.00 -0.43
C1 EDO F . -9.56 -21.56 12.62
O1 EDO F . -10.86 -22.12 12.36
C2 EDO F . -8.54 -21.98 11.56
O2 EDO F . -8.39 -23.40 11.54
C1 EDO G . 19.49 -12.08 5.89
O1 EDO G . 18.26 -11.34 5.99
C2 EDO G . 19.62 -12.80 4.56
O2 EDO G . 18.54 -13.74 4.36
C1 EDO H . 12.44 -36.96 12.20
O1 EDO H . 13.75 -36.55 11.81
C2 EDO H . 12.15 -38.31 11.56
O2 EDO H . 12.23 -38.14 10.14
C1 PEG I . 18.81 -18.62 -22.30
O1 PEG I . 18.60 -17.22 -22.43
C2 PEG I . 20.15 -18.91 -21.70
O2 PEG I . 20.25 -18.28 -20.43
C3 PEG I . 21.22 -17.23 -20.44
C4 PEG I . 21.39 -16.68 -19.05
O4 PEG I . 22.03 -17.62 -18.18
C1 EDO J . -13.60 7.72 -1.95
O1 EDO J . -12.50 7.98 -1.09
C2 EDO J . -13.47 6.30 -2.48
O2 EDO J . -12.23 6.15 -3.19
ZN ZN K . 6.64 -19.18 2.07
C1 EDO L . 22.95 -35.72 8.76
O1 EDO L . 21.92 -35.99 9.72
C2 EDO L . 23.54 -37.06 8.37
O2 EDO L . 22.50 -37.86 7.80
CL CL M . -3.50 3.69 -6.00
S SO4 N . -11.44 11.02 3.22
O1 SO4 N . -10.43 12.04 3.49
O2 SO4 N . -12.80 11.54 3.44
O3 SO4 N . -11.25 10.56 1.86
O4 SO4 N . -11.15 9.86 4.07
C1 EDO O . -11.98 6.59 5.43
O1 EDO O . -10.96 7.42 4.87
C2 EDO O . -12.85 6.00 4.33
O2 EDO O . -13.49 7.04 3.58
C1 EDO P . 8.56 -9.72 7.20
O1 EDO P . 8.74 -8.67 6.24
C2 EDO P . 8.98 -11.00 6.50
O2 EDO P . 8.14 -11.17 5.35
C1 EDO Q . -14.74 30.42 17.95
O1 EDO Q . -15.67 29.73 17.12
C2 EDO Q . -14.33 29.50 19.08
O2 EDO Q . -15.51 29.16 19.81
C1 EDO R . -11.08 24.44 26.15
O1 EDO R . -11.24 25.26 24.98
C2 EDO R . -10.39 23.09 25.89
O2 EDO R . -11.05 22.20 24.96
C1 EDO S . 2.60 34.01 -4.55
O1 EDO S . 2.96 34.50 -3.27
C2 EDO S . 3.89 33.77 -5.32
O2 EDO S . 4.61 32.82 -4.54
C1 EDO T . 15.97 3.26 -7.23
O1 EDO T . 16.52 3.47 -5.92
C2 EDO T . 14.86 2.24 -7.12
O2 EDO T . 15.43 1.01 -6.62
C1 EDO U . 13.11 21.86 -13.50
O1 EDO U . 12.13 21.83 -12.46
C2 EDO U . 12.46 22.28 -14.81
O2 EDO U . 11.44 21.34 -15.16
ZN ZN V . -13.40 14.54 4.85
CL CL W . 7.42 -1.05 0.83
#